data_2AN1
#
_entry.id   2AN1
#
_cell.length_a   98.535
_cell.length_b   99.323
_cell.length_c   144.842
_cell.angle_alpha   90.00
_cell.angle_beta   90.00
_cell.angle_gamma   90.00
#
_symmetry.space_group_name_H-M   'P 21 21 21'
#
loop_
_entity.id
_entity.type
_entity.pdbx_description
1 polymer 'putative kinase'
2 water water
#
_entity_poly.entity_id   1
_entity_poly.type   'polypeptide(L)'
_entity_poly.pdbx_seq_one_letter_code
;MNNHFKCIGIVGHPRHPTALTTHEMLYRWLCDQGYEVIVEQQIAHELQLKNVPTGTLAEIGQQADLAVVVGGDGNMLGAA
RTLARYDINVIGINRGNLGFLTDLDPDNALQQLSDVLEGRYISEKRFLLEAQVCQQDRQKRISTAINEVVLHPGKVAHMI
EFEVYIDETFAFSQRSDGLIISTPTGSTAYSLSAGGPILTPSLDAITLVPMFPHTLSARPLVINSSSTIRLRFSHRRSDL
EISCDSQIALPIQEGEDVLIRRCDYHLNLIHPKDYSYFNTLSTKLGWSKKLF
;
_entity_poly.pdbx_strand_id   A,B,C,D
#
# COMPACT_ATOMS: atom_id res chain seq x y z
N HIS A 4 2.32 -46.63 -7.77
CA HIS A 4 3.70 -47.20 -7.83
C HIS A 4 4.58 -46.46 -8.84
N PHE A 5 5.66 -45.88 -8.34
CA PHE A 5 6.69 -45.26 -9.13
C PHE A 5 7.79 -46.30 -9.27
N LYS A 6 8.47 -46.32 -10.42
CA LYS A 6 9.51 -47.33 -10.63
C LYS A 6 10.90 -46.70 -10.68
N CYS A 7 11.00 -45.60 -11.41
CA CYS A 7 12.25 -44.88 -11.59
C CYS A 7 12.16 -43.51 -10.93
N ILE A 8 13.08 -43.24 -10.02
CA ILE A 8 13.04 -42.03 -9.21
C ILE A 8 14.31 -41.23 -9.45
N GLY A 9 14.13 -39.97 -9.83
CA GLY A 9 15.25 -39.05 -9.99
C GLY A 9 15.47 -38.20 -8.76
N ILE A 10 16.74 -37.99 -8.44
CA ILE A 10 17.09 -37.08 -7.35
C ILE A 10 17.73 -35.88 -8.00
N VAL A 11 17.14 -34.71 -7.77
CA VAL A 11 17.57 -33.49 -8.41
C VAL A 11 17.73 -32.34 -7.39
N GLY A 12 18.43 -31.29 -7.80
CA GLY A 12 18.50 -30.04 -7.06
C GLY A 12 19.88 -29.69 -6.51
N HIS A 13 20.45 -28.57 -6.97
CA HIS A 13 21.74 -28.07 -6.41
C HIS A 13 21.70 -26.70 -5.73
N THR A 21 23.73 -33.69 1.68
CA THR A 21 23.66 -34.66 2.79
C THR A 21 22.27 -35.31 2.84
N THR A 22 21.25 -34.49 2.60
CA THR A 22 19.89 -34.97 2.37
C THR A 22 19.81 -35.83 1.10
N HIS A 23 20.55 -35.43 0.05
CA HIS A 23 20.62 -36.17 -1.21
C HIS A 23 21.06 -37.61 -1.00
N GLU A 24 22.15 -37.79 -0.23
CA GLU A 24 22.72 -39.11 0.05
C GLU A 24 21.79 -40.02 0.83
N MET A 25 21.15 -39.47 1.87
CA MET A 25 20.17 -40.20 2.66
C MET A 25 19.05 -40.71 1.75
N LEU A 26 18.52 -39.83 0.90
CA LEU A 26 17.48 -40.20 -0.06
C LEU A 26 17.92 -41.30 -1.01
N TYR A 27 19.11 -41.16 -1.57
CA TYR A 27 19.61 -42.13 -2.54
C TYR A 27 19.70 -43.53 -1.91
N ARG A 28 20.39 -43.58 -0.78
CA ARG A 28 20.59 -44.83 -0.03
C ARG A 28 19.26 -45.46 0.37
N TRP A 29 18.37 -44.65 0.94
CA TRP A 29 17.06 -45.14 1.35
C TRP A 29 16.22 -45.66 0.17
N LEU A 30 16.10 -44.89 -0.89
CA LEU A 30 15.37 -45.32 -2.07
C LEU A 30 15.94 -46.60 -2.69
N CYS A 31 17.27 -46.68 -2.78
CA CYS A 31 17.94 -47.91 -3.24
C CYS A 31 17.67 -49.10 -2.33
N ASP A 32 17.69 -48.87 -1.01
CA ASP A 32 17.33 -49.90 -0.03
C ASP A 32 15.90 -50.41 -0.24
N GLN A 33 15.00 -49.52 -0.67
CA GLN A 33 13.61 -49.85 -0.90
C GLN A 33 13.41 -50.60 -2.23
N GLY A 34 14.48 -50.69 -3.02
CA GLY A 34 14.48 -51.42 -4.28
C GLY A 34 14.08 -50.62 -5.52
N TYR A 35 14.06 -49.30 -5.41
CA TYR A 35 13.74 -48.44 -6.55
C TYR A 35 14.92 -48.33 -7.49
N GLU A 36 14.65 -48.15 -8.78
CA GLU A 36 15.70 -47.70 -9.69
C GLU A 36 15.86 -46.21 -9.47
N VAL A 37 17.06 -45.80 -9.05
CA VAL A 37 17.31 -44.40 -8.72
C VAL A 37 18.33 -43.84 -9.69
N ILE A 38 18.11 -42.61 -10.13
CA ILE A 38 19.05 -41.89 -10.98
C ILE A 38 19.23 -40.48 -10.43
N VAL A 39 20.46 -40.00 -10.44
CA VAL A 39 20.77 -38.72 -9.82
C VAL A 39 21.13 -37.70 -10.90
N GLU A 40 20.65 -36.47 -10.77
CA GLU A 40 21.01 -35.44 -11.74
C GLU A 40 22.53 -35.27 -11.81
N GLN A 41 23.04 -35.24 -13.04
CA GLN A 41 24.48 -35.33 -13.29
C GLN A 41 25.32 -34.27 -12.54
N GLN A 42 24.92 -33.01 -12.67
CA GLN A 42 25.64 -31.89 -12.07
C GLN A 42 25.77 -32.00 -10.55
N ILE A 43 24.69 -32.34 -9.86
CA ILE A 43 24.71 -32.49 -8.39
C ILE A 43 25.53 -33.70 -7.92
N ALA A 44 25.53 -34.78 -8.70
CA ALA A 44 26.36 -35.95 -8.35
C ALA A 44 27.84 -35.58 -8.35
N HIS A 45 28.24 -34.84 -9.39
CA HIS A 45 29.62 -34.38 -9.50
C HIS A 45 29.94 -33.34 -8.44
N GLU A 46 28.98 -32.45 -8.18
CA GLU A 46 29.12 -31.41 -7.14
C GLU A 46 29.20 -31.98 -5.72
N LEU A 47 28.45 -33.07 -5.45
CA LEU A 47 28.53 -33.78 -4.19
C LEU A 47 29.70 -34.77 -4.19
N GLN A 48 30.35 -34.90 -5.35
CA GLN A 48 31.51 -35.80 -5.54
C GLN A 48 31.19 -37.27 -5.22
N LEU A 49 30.01 -37.72 -5.66
CA LEU A 49 29.50 -39.07 -5.35
C LEU A 49 30.22 -40.19 -6.13
N LYS A 50 30.23 -41.40 -5.59
CA LYS A 50 30.91 -42.55 -6.25
C LYS A 50 30.00 -43.76 -6.48
N ASN A 51 30.09 -44.33 -7.69
CA ASN A 51 29.23 -45.44 -8.13
C ASN A 51 27.75 -45.10 -8.05
N VAL A 52 27.42 -43.85 -8.31
CA VAL A 52 26.01 -43.45 -8.39
C VAL A 52 25.64 -43.09 -9.83
N PRO A 53 24.63 -43.78 -10.39
CA PRO A 53 24.19 -43.57 -11.77
C PRO A 53 23.53 -42.21 -11.95
N THR A 54 23.88 -41.54 -13.04
CA THR A 54 23.40 -40.19 -13.29
C THR A 54 22.77 -40.03 -14.67
N GLY A 55 22.00 -38.95 -14.81
CA GLY A 55 21.46 -38.58 -16.10
C GLY A 55 21.34 -37.08 -16.14
N THR A 56 21.08 -36.55 -17.34
CA THR A 56 20.79 -35.12 -17.47
C THR A 56 19.42 -34.84 -16.85
N LEU A 57 19.20 -33.59 -16.48
CA LEU A 57 17.91 -33.23 -15.93
C LEU A 57 16.80 -33.56 -16.93
N ALA A 58 17.03 -33.30 -18.23
CA ALA A 58 16.08 -33.62 -19.30
C ALA A 58 15.80 -35.13 -19.40
N GLU A 59 16.85 -35.96 -19.32
CA GLU A 59 16.70 -37.42 -19.37
C GLU A 59 15.83 -37.94 -18.23
N ILE A 60 16.11 -37.44 -17.03
CA ILE A 60 15.28 -37.71 -15.86
C ILE A 60 13.81 -37.27 -16.08
N GLY A 61 13.62 -36.04 -16.56
CA GLY A 61 12.27 -35.55 -16.85
C GLY A 61 11.50 -36.45 -17.81
N GLN A 62 12.17 -36.92 -18.86
CA GLN A 62 11.48 -37.69 -19.87
C GLN A 62 11.25 -39.17 -19.52
N GLN A 63 12.03 -39.71 -18.58
CA GLN A 63 11.99 -41.13 -18.28
C GLN A 63 11.56 -41.55 -16.86
N ALA A 64 11.89 -40.75 -15.85
CA ALA A 64 11.54 -41.10 -14.47
C ALA A 64 10.06 -40.84 -14.21
N ASP A 65 9.48 -41.59 -13.27
CA ASP A 65 8.09 -41.45 -12.84
C ASP A 65 7.98 -40.33 -11.82
N LEU A 66 9.02 -40.16 -11.01
CA LEU A 66 9.01 -39.13 -9.98
C LEU A 66 10.38 -38.48 -9.86
N ALA A 67 10.39 -37.16 -9.68
CA ALA A 67 11.60 -36.44 -9.31
C ALA A 67 11.45 -35.88 -7.91
N VAL A 68 12.42 -36.16 -7.05
CA VAL A 68 12.52 -35.58 -5.74
C VAL A 68 13.56 -34.47 -5.81
N VAL A 69 13.10 -33.25 -5.56
CA VAL A 69 13.93 -32.05 -5.61
C VAL A 69 14.36 -31.68 -4.19
N VAL A 70 15.67 -31.59 -4.01
CA VAL A 70 16.25 -31.31 -2.70
C VAL A 70 16.74 -29.87 -2.65
N GLY A 71 16.56 -29.21 -1.51
CA GLY A 71 17.17 -27.90 -1.26
C GLY A 71 16.24 -26.69 -1.31
N GLY A 72 14.94 -26.93 -1.16
CA GLY A 72 13.98 -25.85 -1.01
C GLY A 72 13.43 -25.24 -2.29
N ASP A 73 12.66 -24.16 -2.11
CA ASP A 73 11.95 -23.49 -3.21
C ASP A 73 12.89 -22.99 -4.30
N GLY A 74 14.07 -22.51 -3.92
CA GLY A 74 15.07 -22.03 -4.90
C GLY A 74 15.52 -23.07 -5.91
N ASN A 75 15.81 -24.28 -5.43
CA ASN A 75 16.18 -25.39 -6.29
C ASN A 75 15.00 -25.89 -7.11
N MET A 76 13.79 -25.82 -6.57
CA MET A 76 12.62 -26.23 -7.32
C MET A 76 12.42 -25.37 -8.56
N LEU A 77 12.68 -24.07 -8.46
CA LEU A 77 12.52 -23.17 -9.61
C LEU A 77 13.33 -23.61 -10.82
N GLY A 78 14.62 -23.83 -10.61
CA GLY A 78 15.51 -24.31 -11.68
C GLY A 78 15.05 -25.65 -12.22
N ALA A 79 14.79 -26.60 -11.34
CA ALA A 79 14.37 -27.94 -11.77
C ALA A 79 13.08 -27.87 -12.58
N ALA A 80 12.12 -27.09 -12.09
CA ALA A 80 10.77 -27.08 -12.64
C ALA A 80 10.71 -26.64 -14.08
N ARG A 81 11.61 -25.76 -14.50
CA ARG A 81 11.54 -25.27 -15.88
C ARG A 81 11.80 -26.38 -16.89
N THR A 82 12.62 -27.35 -16.54
CA THR A 82 12.83 -28.51 -17.42
C THR A 82 11.76 -29.57 -17.16
N LEU A 83 11.53 -29.86 -15.89
CA LEU A 83 10.65 -30.96 -15.49
C LEU A 83 9.20 -30.75 -15.93
N ALA A 84 8.77 -29.48 -15.93
CA ALA A 84 7.44 -29.09 -16.43
C ALA A 84 7.14 -29.58 -17.85
N ARG A 85 8.18 -29.69 -18.67
CA ARG A 85 8.01 -30.05 -20.07
C ARG A 85 7.49 -31.47 -20.24
N TYR A 86 7.55 -32.26 -19.17
CA TYR A 86 7.37 -33.71 -19.29
C TYR A 86 6.27 -34.28 -18.39
N ASP A 87 5.92 -35.53 -18.67
CA ASP A 87 4.95 -36.27 -17.88
C ASP A 87 5.72 -36.95 -16.74
N ILE A 88 6.12 -36.15 -15.75
CA ILE A 88 6.82 -36.64 -14.56
C ILE A 88 6.20 -35.93 -13.34
N ASN A 89 5.96 -36.68 -12.28
CA ASN A 89 5.51 -36.08 -11.01
C ASN A 89 6.70 -35.49 -10.27
N VAL A 90 6.47 -34.38 -9.56
CA VAL A 90 7.54 -33.64 -8.90
C VAL A 90 7.18 -33.32 -7.44
N ILE A 91 8.08 -33.66 -6.52
CA ILE A 91 7.88 -33.36 -5.10
C ILE A 91 9.16 -32.76 -4.57
N GLY A 92 9.04 -31.81 -3.66
CA GLY A 92 10.20 -31.10 -3.14
C GLY A 92 10.39 -31.22 -1.63
N ILE A 93 11.65 -31.15 -1.22
CA ILE A 93 12.01 -31.15 0.19
C ILE A 93 12.46 -29.73 0.53
N ASN A 94 11.88 -29.16 1.57
CA ASN A 94 12.26 -27.81 1.98
C ASN A 94 13.61 -27.79 2.73
N ARG A 95 14.08 -26.59 3.07
CA ARG A 95 15.35 -26.44 3.78
C ARG A 95 15.16 -26.42 5.30
N GLY A 96 13.95 -26.75 5.75
CA GLY A 96 13.66 -26.84 7.17
C GLY A 96 12.38 -26.09 7.43
N ASN A 97 12.43 -24.78 7.16
CA ASN A 97 11.22 -23.98 7.16
C ASN A 97 10.43 -24.16 5.88
N LEU A 98 9.11 -24.07 6.03
CA LEU A 98 8.12 -24.31 4.98
C LEU A 98 8.45 -23.57 3.69
N GLY A 99 8.06 -24.19 2.58
CA GLY A 99 8.13 -23.55 1.27
C GLY A 99 6.75 -23.57 0.63
N PHE A 100 6.61 -22.79 -0.44
CA PHE A 100 5.38 -22.82 -1.21
C PHE A 100 5.37 -23.91 -2.26
N LEU A 101 6.56 -24.35 -2.66
CA LEU A 101 6.70 -25.35 -3.70
C LEU A 101 7.26 -26.66 -3.16
N THR A 102 7.93 -26.59 -2.01
CA THR A 102 8.53 -27.78 -1.43
C THR A 102 7.72 -28.14 -0.20
N ASP A 103 7.28 -29.40 -0.13
CA ASP A 103 6.34 -29.84 0.88
C ASP A 103 6.98 -30.66 2.00
N LEU A 104 8.06 -31.38 1.69
CA LEU A 104 8.62 -32.35 2.62
C LEU A 104 9.58 -31.73 3.64
N ASP A 105 9.43 -32.13 4.90
CA ASP A 105 10.34 -31.71 5.98
C ASP A 105 11.61 -32.57 5.90
N PRO A 106 12.80 -31.93 5.78
CA PRO A 106 13.99 -32.76 5.68
C PRO A 106 14.27 -33.62 6.93
N ASP A 107 13.72 -33.22 8.07
CA ASP A 107 13.87 -34.02 9.30
C ASP A 107 12.90 -35.19 9.40
N ASN A 108 11.94 -35.22 8.48
CA ASN A 108 10.97 -36.32 8.41
C ASN A 108 10.71 -36.78 6.98
N ALA A 109 11.66 -36.51 6.09
CA ALA A 109 11.46 -36.74 4.65
C ALA A 109 11.24 -38.21 4.29
N LEU A 110 11.95 -39.12 4.96
CA LEU A 110 11.83 -40.54 4.64
C LEU A 110 10.41 -41.04 4.94
N GLN A 111 9.89 -40.72 6.12
CA GLN A 111 8.53 -41.11 6.49
C GLN A 111 7.46 -40.49 5.56
N GLN A 112 7.60 -39.21 5.24
CA GLN A 112 6.64 -38.50 4.38
C GLN A 112 6.67 -39.03 2.94
N LEU A 113 7.87 -39.22 2.41
CA LEU A 113 8.04 -39.72 1.06
C LEU A 113 7.53 -41.16 0.93
N SER A 114 7.77 -41.98 1.94
CA SER A 114 7.20 -43.33 1.99
C SER A 114 5.69 -43.33 1.70
N ASP A 115 4.94 -42.43 2.36
CA ASP A 115 3.48 -42.32 2.14
C ASP A 115 3.12 -41.99 0.70
N VAL A 116 3.85 -41.02 0.14
CA VAL A 116 3.68 -40.62 -1.25
C VAL A 116 3.95 -41.80 -2.20
N LEU A 117 5.07 -42.49 -1.98
CA LEU A 117 5.45 -43.63 -2.83
C LEU A 117 4.43 -44.75 -2.78
N GLU A 118 3.69 -44.85 -1.68
CA GLU A 118 2.57 -45.80 -1.55
C GLU A 118 1.29 -45.33 -2.24
N GLY A 119 1.34 -44.16 -2.88
CA GLY A 119 0.21 -43.64 -3.63
C GLY A 119 -0.66 -42.65 -2.87
N ARG A 120 -0.26 -42.30 -1.65
CA ARG A 120 -0.97 -41.27 -0.88
C ARG A 120 -0.43 -39.88 -1.19
N TYR A 121 -1.00 -39.25 -2.20
CA TYR A 121 -0.63 -37.90 -2.58
C TYR A 121 -1.76 -37.22 -3.34
N ILE A 122 -1.69 -35.90 -3.42
CA ILE A 122 -2.61 -35.14 -4.26
C ILE A 122 -1.83 -34.49 -5.40
N SER A 123 -2.37 -34.59 -6.61
CA SER A 123 -1.77 -34.02 -7.81
C SER A 123 -2.27 -32.61 -8.05
N GLU A 124 -1.36 -31.75 -8.50
CA GLU A 124 -1.67 -30.37 -8.79
C GLU A 124 -0.84 -29.88 -9.97
N LYS A 125 -1.46 -29.15 -10.88
CA LYS A 125 -0.76 -28.63 -12.03
C LYS A 125 -0.46 -27.16 -11.77
N ARG A 126 0.77 -26.75 -12.08
CA ARG A 126 1.14 -25.34 -12.01
C ARG A 126 1.54 -24.93 -13.41
N PHE A 127 0.95 -23.85 -13.92
CA PHE A 127 1.31 -23.36 -15.25
C PHE A 127 2.54 -22.43 -15.17
N LEU A 128 3.22 -22.28 -16.29
CA LEU A 128 4.39 -21.41 -16.37
C LEU A 128 4.14 -20.30 -17.38
N LEU A 129 4.99 -19.28 -17.33
CA LEU A 129 5.01 -18.20 -18.32
C LEU A 129 6.15 -18.41 -19.30
N GLU A 130 5.88 -18.03 -20.54
CA GLU A 130 6.87 -18.01 -21.57
C GLU A 130 7.07 -16.55 -21.99
N ALA A 131 8.32 -16.11 -22.06
CA ALA A 131 8.65 -14.80 -22.57
C ALA A 131 9.35 -14.95 -23.93
N GLN A 132 8.86 -14.22 -24.93
CA GLN A 132 9.48 -14.15 -26.23
C GLN A 132 9.94 -12.73 -26.51
N VAL A 133 11.18 -12.59 -26.95
CA VAL A 133 11.67 -11.30 -27.43
C VAL A 133 11.50 -11.33 -28.95
N CYS A 134 10.68 -10.41 -29.46
CA CYS A 134 10.20 -10.43 -30.85
C CYS A 134 10.76 -9.30 -31.72
N GLN A 135 11.30 -9.69 -32.87
CA GLN A 135 11.61 -8.74 -33.93
C GLN A 135 10.53 -8.87 -35.01
N GLN A 136 9.28 -8.64 -34.61
CA GLN A 136 8.07 -8.84 -35.44
C GLN A 136 7.55 -10.28 -35.33
N ARG A 141 14.16 -15.48 -29.55
CA ARG A 141 14.71 -15.66 -28.20
C ARG A 141 13.63 -15.89 -27.13
N ILE A 142 13.81 -16.94 -26.32
CA ILE A 142 12.78 -17.36 -25.38
C ILE A 142 13.33 -17.61 -23.94
N SER A 143 12.46 -17.44 -22.95
CA SER A 143 12.72 -17.93 -21.59
C SER A 143 11.40 -18.32 -20.96
N THR A 144 11.46 -19.15 -19.93
CA THR A 144 10.27 -19.49 -19.20
C THR A 144 10.46 -19.16 -17.72
N ALA A 145 9.37 -19.21 -16.97
CA ALA A 145 9.36 -18.87 -15.55
C ALA A 145 8.18 -19.54 -14.86
N ILE A 146 8.41 -20.06 -13.65
CA ILE A 146 7.31 -20.61 -12.83
C ILE A 146 6.80 -19.54 -11.87
N ASN A 147 7.68 -18.61 -11.45
CA ASN A 147 7.26 -17.52 -10.54
C ASN A 147 6.92 -16.23 -11.29
N GLU A 148 7.90 -15.62 -11.92
CA GLU A 148 7.66 -14.32 -12.55
C GLU A 148 8.62 -13.96 -13.65
N VAL A 149 8.17 -13.05 -14.51
CA VAL A 149 8.99 -12.41 -15.51
C VAL A 149 9.03 -10.93 -15.11
N VAL A 150 10.23 -10.37 -15.02
CA VAL A 150 10.39 -9.00 -14.58
C VAL A 150 11.03 -8.20 -15.70
N LEU A 151 10.34 -7.14 -16.10
CA LEU A 151 10.91 -6.17 -17.04
C LEU A 151 11.58 -5.08 -16.23
N HIS A 152 12.84 -4.78 -16.52
CA HIS A 152 13.57 -3.71 -15.81
C HIS A 152 14.74 -3.22 -16.64
N PRO A 153 15.33 -2.06 -16.26
CA PRO A 153 16.56 -1.61 -16.92
C PRO A 153 17.79 -2.30 -16.35
N GLY A 154 18.91 -2.18 -17.05
CA GLY A 154 20.19 -2.70 -16.56
C GLY A 154 20.64 -2.01 -15.28
N LYS A 155 20.42 -0.70 -15.19
CA LYS A 155 20.77 0.07 -14.00
C LYS A 155 19.62 0.15 -13.02
N VAL A 156 19.85 -0.40 -11.83
CA VAL A 156 18.86 -0.44 -10.76
C VAL A 156 18.45 0.96 -10.30
N ALA A 157 17.18 1.09 -9.90
CA ALA A 157 16.57 2.39 -9.54
C ALA A 157 16.58 3.44 -10.65
N HIS A 158 16.55 2.98 -11.89
CA HIS A 158 16.39 3.88 -13.04
C HIS A 158 15.02 3.68 -13.67
N MET A 159 14.44 4.78 -14.12
CA MET A 159 13.09 4.77 -14.67
C MET A 159 13.10 4.30 -16.13
N ILE A 160 12.11 3.50 -16.47
CA ILE A 160 11.86 3.12 -17.87
C ILE A 160 10.43 3.44 -18.29
N GLU A 161 10.22 3.53 -19.60
CA GLU A 161 8.90 3.78 -20.18
C GLU A 161 8.53 2.63 -21.13
N PHE A 162 7.27 2.21 -21.08
CA PHE A 162 6.81 1.07 -21.91
C PHE A 162 5.29 1.10 -22.11
N GLU A 163 4.84 0.51 -23.21
CA GLU A 163 3.42 0.32 -23.52
C GLU A 163 3.04 -1.13 -23.19
N VAL A 164 1.82 -1.32 -22.72
CA VAL A 164 1.34 -2.67 -22.41
C VAL A 164 0.09 -2.93 -23.23
N TYR A 165 0.10 -4.07 -23.92
CA TYR A 165 -1.07 -4.57 -24.67
C TYR A 165 -1.47 -5.90 -24.04
N ILE A 166 -2.77 -6.11 -23.90
CA ILE A 166 -3.30 -7.35 -23.36
C ILE A 166 -4.23 -7.94 -24.38
N ASP A 167 -4.00 -9.21 -24.74
CA ASP A 167 -4.65 -9.82 -25.91
C ASP A 167 -4.58 -8.85 -27.11
N GLU A 168 -3.42 -8.20 -27.23
CA GLU A 168 -3.08 -7.29 -28.34
C GLU A 168 -3.83 -5.97 -28.35
N THR A 169 -4.74 -5.74 -27.40
CA THR A 169 -5.42 -4.45 -27.32
C THR A 169 -4.59 -3.52 -26.42
N PHE A 170 -4.29 -2.33 -26.92
CA PHE A 170 -3.57 -1.35 -26.09
C PHE A 170 -4.28 -1.15 -24.75
N ALA A 171 -3.50 -1.20 -23.67
CA ALA A 171 -4.03 -1.06 -22.32
C ALA A 171 -3.56 0.21 -21.66
N PHE A 172 -2.25 0.36 -21.47
CA PHE A 172 -1.75 1.56 -20.83
C PHE A 172 -0.25 1.68 -21.07
N SER A 173 0.27 2.87 -20.87
CA SER A 173 1.71 3.12 -20.80
C SER A 173 2.07 3.39 -19.35
N GLN A 174 3.36 3.24 -19.04
CA GLN A 174 3.83 3.41 -17.68
C GLN A 174 5.25 3.97 -17.68
N ARG A 175 5.52 4.90 -16.76
CA ARG A 175 6.90 5.27 -16.38
C ARG A 175 7.16 4.76 -14.97
N SER A 176 8.14 3.86 -14.81
CA SER A 176 8.38 3.21 -13.51
C SER A 176 9.74 2.51 -13.54
N ASP A 177 10.05 1.76 -12.48
CA ASP A 177 11.28 1.02 -12.39
C ASP A 177 11.19 -0.32 -13.11
N GLY A 178 10.00 -0.68 -13.59
CA GLY A 178 9.80 -1.95 -14.26
C GLY A 178 8.43 -2.54 -14.05
N LEU A 179 8.28 -3.82 -14.39
CA LEU A 179 6.99 -4.46 -14.33
C LEU A 179 7.17 -5.92 -13.94
N ILE A 180 6.38 -6.38 -13.00
CA ILE A 180 6.43 -7.78 -12.59
C ILE A 180 5.22 -8.49 -13.16
N ILE A 181 5.46 -9.54 -13.90
CA ILE A 181 4.36 -10.39 -14.35
C ILE A 181 4.47 -11.74 -13.66
N SER A 182 3.51 -12.04 -12.79
CA SER A 182 3.61 -13.18 -11.88
C SER A 182 2.52 -14.22 -12.10
N THR A 183 2.89 -15.49 -11.95
CA THR A 183 1.93 -16.60 -11.87
C THR A 183 1.34 -16.64 -10.45
N PRO A 184 0.28 -17.44 -10.24
CA PRO A 184 -0.17 -17.63 -8.84
C PRO A 184 0.92 -18.18 -7.93
N THR A 185 1.75 -19.09 -8.44
CA THR A 185 2.91 -19.58 -7.72
C THR A 185 3.85 -18.44 -7.33
N GLY A 186 4.12 -17.53 -8.26
CA GLY A 186 5.02 -16.40 -7.96
C GLY A 186 4.42 -15.28 -7.11
N SER A 187 3.12 -15.34 -6.88
CA SER A 187 2.40 -14.23 -6.21
C SER A 187 2.78 -14.08 -4.74
N THR A 188 3.37 -15.11 -4.17
CA THR A 188 3.88 -14.99 -2.81
C THR A 188 5.36 -14.59 -2.79
N ALA A 189 5.96 -14.43 -3.97
CA ALA A 189 7.40 -14.23 -4.08
C ALA A 189 7.69 -12.75 -4.29
N TYR A 190 8.54 -12.39 -5.25
CA TYR A 190 8.84 -10.98 -5.55
C TYR A 190 7.61 -10.09 -5.70
N SER A 191 6.61 -10.56 -6.42
CA SER A 191 5.34 -9.84 -6.57
C SER A 191 4.76 -9.35 -5.22
N LEU A 192 4.84 -10.20 -4.20
CA LEU A 192 4.28 -9.89 -2.87
C LEU A 192 5.02 -8.73 -2.17
N SER A 193 6.36 -8.79 -2.24
CA SER A 193 7.22 -7.72 -1.73
C SER A 193 6.94 -6.40 -2.41
N ALA A 194 6.53 -6.47 -3.69
CA ALA A 194 6.20 -5.31 -4.49
C ALA A 194 4.76 -4.81 -4.31
N GLY A 195 4.02 -5.41 -3.39
CA GLY A 195 2.65 -4.96 -3.10
C GLY A 195 1.54 -5.68 -3.85
N GLY A 196 1.87 -6.77 -4.54
CA GLY A 196 0.85 -7.47 -5.34
C GLY A 196 -0.09 -8.29 -4.48
N PRO A 197 -1.22 -8.77 -5.07
CA PRO A 197 -2.09 -9.65 -4.30
C PRO A 197 -1.59 -11.10 -4.30
N ILE A 198 -2.11 -11.87 -3.35
CA ILE A 198 -1.88 -13.30 -3.27
C ILE A 198 -2.96 -13.99 -4.13
N LEU A 199 -2.51 -14.90 -4.99
CA LEU A 199 -3.38 -15.68 -5.86
C LEU A 199 -3.30 -17.14 -5.44
N THR A 200 -4.43 -17.79 -5.17
CA THR A 200 -4.40 -19.21 -4.88
C THR A 200 -3.78 -19.98 -6.05
N PRO A 201 -2.90 -20.96 -5.74
CA PRO A 201 -1.94 -21.53 -6.67
C PRO A 201 -2.50 -22.12 -7.95
N SER A 202 -3.78 -22.51 -7.91
CA SER A 202 -4.43 -23.17 -9.03
C SER A 202 -5.23 -22.24 -9.95
N LEU A 203 -5.50 -21.02 -9.48
CA LEU A 203 -6.21 -19.98 -10.25
C LEU A 203 -5.71 -19.87 -11.69
N ASP A 204 -6.61 -19.71 -12.64
CA ASP A 204 -6.20 -19.47 -14.03
C ASP A 204 -6.02 -17.95 -14.27
N ALA A 205 -5.00 -17.39 -13.64
CA ALA A 205 -4.78 -15.95 -13.67
C ALA A 205 -3.31 -15.62 -13.62
N ILE A 206 -2.95 -14.46 -14.18
CA ILE A 206 -1.65 -13.85 -13.95
C ILE A 206 -1.81 -12.39 -13.49
N THR A 207 -0.82 -11.88 -12.73
CA THR A 207 -0.89 -10.53 -12.19
C THR A 207 0.22 -9.68 -12.74
N LEU A 208 -0.13 -8.44 -13.08
CA LEU A 208 0.81 -7.44 -13.52
C LEU A 208 0.97 -6.47 -12.35
N VAL A 209 2.19 -6.34 -11.86
CA VAL A 209 2.45 -5.51 -10.67
C VAL A 209 3.49 -4.46 -11.03
N PRO A 210 3.11 -3.17 -11.01
CA PRO A 210 4.08 -2.15 -11.35
C PRO A 210 5.13 -1.96 -10.26
N MET A 211 6.30 -1.51 -10.67
CA MET A 211 7.41 -1.29 -9.75
C MET A 211 7.61 0.21 -9.67
N PHE A 212 7.08 0.82 -8.60
CA PHE A 212 7.18 2.26 -8.36
C PHE A 212 6.72 3.10 -9.55
N PRO A 213 5.44 2.95 -9.95
CA PRO A 213 5.01 3.73 -11.09
C PRO A 213 4.86 5.20 -10.71
N HIS A 214 5.11 6.08 -11.67
CA HIS A 214 4.92 7.51 -11.46
C HIS A 214 3.44 7.87 -11.29
N THR A 215 2.55 7.14 -11.95
CA THR A 215 1.10 7.32 -11.80
C THR A 215 0.62 6.69 -10.49
N LEU A 216 0.13 7.53 -9.59
CA LEU A 216 -0.25 7.11 -8.23
C LEU A 216 -1.53 6.29 -8.20
N SER A 217 -2.30 6.33 -9.28
CA SER A 217 -3.51 5.49 -9.39
C SER A 217 -3.25 4.11 -10.03
N ALA A 218 -2.00 3.83 -10.38
CA ALA A 218 -1.64 2.49 -10.86
C ALA A 218 -1.89 1.47 -9.76
N ARG A 219 -2.46 0.33 -10.12
CA ARG A 219 -2.73 -0.75 -9.16
C ARG A 219 -2.43 -2.09 -9.85
N PRO A 220 -2.18 -3.13 -9.05
CA PRO A 220 -2.02 -4.48 -9.56
C PRO A 220 -3.26 -4.88 -10.35
N LEU A 221 -3.03 -5.58 -11.46
CA LEU A 221 -4.10 -5.98 -12.36
C LEU A 221 -4.06 -7.49 -12.53
N VAL A 222 -5.20 -8.16 -12.43
CA VAL A 222 -5.21 -9.61 -12.53
C VAL A 222 -6.01 -9.99 -13.77
N ILE A 223 -5.35 -10.73 -14.67
CA ILE A 223 -5.97 -11.12 -15.96
C ILE A 223 -6.05 -12.65 -16.08
N ASN A 224 -6.85 -13.12 -17.05
CA ASN A 224 -6.94 -14.57 -17.33
C ASN A 224 -5.59 -15.10 -17.80
N SER A 225 -5.19 -16.27 -17.31
CA SER A 225 -3.92 -16.88 -17.73
C SER A 225 -3.91 -17.30 -19.21
N SER A 226 -5.07 -17.31 -19.85
CA SER A 226 -5.15 -17.56 -21.29
C SER A 226 -4.88 -16.29 -22.13
N SER A 227 -4.73 -15.14 -21.47
CA SER A 227 -4.42 -13.87 -22.15
C SER A 227 -2.93 -13.70 -22.42
N THR A 228 -2.60 -12.92 -23.45
CA THR A 228 -1.22 -12.62 -23.76
C THR A 228 -0.89 -11.18 -23.32
N ILE A 229 0.39 -10.93 -23.10
CA ILE A 229 0.84 -9.59 -22.78
C ILE A 229 1.98 -9.21 -23.72
N ARG A 230 1.86 -8.03 -24.33
CA ARG A 230 2.90 -7.52 -25.18
C ARG A 230 3.43 -6.23 -24.60
N LEU A 231 4.77 -6.13 -24.56
CA LEU A 231 5.44 -4.93 -24.07
C LEU A 231 6.20 -4.30 -25.21
N ARG A 232 5.97 -2.99 -25.39
CA ARG A 232 6.57 -2.25 -26.47
C ARG A 232 7.35 -1.08 -25.88
N PHE A 233 8.49 -0.75 -26.48
CA PHE A 233 9.40 0.26 -25.94
C PHE A 233 9.79 1.34 -26.94
N SER A 234 10.46 2.37 -26.44
CA SER A 234 11.08 3.39 -27.28
C SER A 234 12.13 2.78 -28.20
N HIS A 235 12.29 3.36 -29.39
CA HIS A 235 13.34 2.90 -30.32
C HIS A 235 14.72 3.46 -29.97
N ASP A 239 19.27 -0.83 -23.03
CA ASP A 239 19.52 -1.22 -21.64
C ASP A 239 18.30 -1.89 -20.96
N LEU A 240 17.30 -2.29 -21.74
CA LEU A 240 16.15 -2.96 -21.16
C LEU A 240 16.41 -4.45 -21.06
N GLU A 241 15.92 -5.07 -19.99
CA GLU A 241 16.15 -6.49 -19.73
C GLU A 241 14.91 -7.20 -19.23
N ILE A 242 14.88 -8.51 -19.46
CA ILE A 242 13.85 -9.40 -18.91
C ILE A 242 14.52 -10.43 -17.99
N SER A 243 14.06 -10.52 -16.75
CA SER A 243 14.56 -11.53 -15.81
C SER A 243 13.46 -12.53 -15.48
N CYS A 244 13.72 -13.80 -15.75
CA CYS A 244 12.76 -14.86 -15.44
C CYS A 244 13.23 -15.67 -14.25
N ASP A 245 12.43 -15.71 -13.20
CA ASP A 245 12.82 -16.33 -11.93
C ASP A 245 14.22 -15.89 -11.51
N SER A 246 15.08 -16.83 -11.15
CA SER A 246 16.42 -16.49 -10.70
C SER A 246 17.49 -16.60 -11.79
N GLN A 247 17.06 -16.49 -13.05
CA GLN A 247 17.97 -16.61 -14.19
C GLN A 247 18.60 -15.26 -14.48
N ILE A 248 19.69 -15.26 -15.24
CA ILE A 248 20.38 -14.01 -15.55
C ILE A 248 19.51 -13.13 -16.42
N ALA A 249 19.66 -11.82 -16.25
CA ALA A 249 18.88 -10.87 -17.03
C ALA A 249 19.23 -11.02 -18.50
N LEU A 250 18.21 -11.01 -19.34
CA LEU A 250 18.39 -11.16 -20.77
C LEU A 250 18.07 -9.86 -21.49
N PRO A 251 19.01 -9.35 -22.30
CA PRO A 251 18.89 -8.05 -22.94
C PRO A 251 17.79 -8.01 -23.99
N ILE A 252 17.16 -6.86 -24.12
CA ILE A 252 16.20 -6.60 -25.16
C ILE A 252 16.83 -5.56 -26.07
N GLN A 253 17.05 -5.94 -27.32
CA GLN A 253 17.67 -5.05 -28.29
C GLN A 253 16.65 -4.01 -28.77
N GLU A 254 17.16 -2.86 -29.23
CA GLU A 254 16.32 -1.79 -29.75
C GLU A 254 15.46 -2.31 -30.90
N GLY A 255 14.19 -1.93 -30.89
CA GLY A 255 13.24 -2.39 -31.91
C GLY A 255 12.45 -3.63 -31.53
N GLU A 256 12.90 -4.34 -30.49
CA GLU A 256 12.28 -5.59 -30.10
C GLU A 256 11.14 -5.37 -29.10
N ASP A 257 10.03 -6.08 -29.30
CA ASP A 257 8.90 -6.16 -28.35
C ASP A 257 9.08 -7.42 -27.55
N VAL A 258 8.44 -7.50 -26.38
CA VAL A 258 8.38 -8.70 -25.57
C VAL A 258 6.95 -9.24 -25.53
N LEU A 259 6.78 -10.52 -25.79
CA LEU A 259 5.46 -11.15 -25.68
C LEU A 259 5.50 -12.20 -24.58
N ILE A 260 4.55 -12.14 -23.65
CA ILE A 260 4.45 -13.08 -22.54
C ILE A 260 3.12 -13.81 -22.62
N ARG A 261 3.17 -15.13 -22.46
CA ARG A 261 1.98 -15.97 -22.50
C ARG A 261 2.19 -17.21 -21.63
N ARG A 262 1.10 -17.91 -21.34
CA ARG A 262 1.17 -19.19 -20.61
C ARG A 262 1.84 -20.26 -21.48
N CYS A 263 2.76 -21.02 -20.90
CA CYS A 263 3.34 -22.19 -21.60
C CYS A 263 2.30 -23.27 -21.90
N ASP A 264 2.55 -24.04 -22.97
CA ASP A 264 1.70 -25.18 -23.35
C ASP A 264 1.82 -26.36 -22.38
N TYR A 265 2.78 -26.30 -21.48
CA TYR A 265 2.99 -27.39 -20.54
C TYR A 265 2.97 -26.89 -19.11
N HIS A 266 2.75 -27.80 -18.17
CA HIS A 266 2.60 -27.46 -16.75
C HIS A 266 3.46 -28.36 -15.88
N LEU A 267 3.85 -27.83 -14.73
CA LEU A 267 4.54 -28.64 -13.73
C LEU A 267 3.54 -29.55 -13.03
N ASN A 268 3.82 -30.86 -13.04
CA ASN A 268 2.98 -31.85 -12.33
C ASN A 268 3.47 -32.04 -10.91
N LEU A 269 3.01 -31.15 -10.04
CA LEU A 269 3.45 -31.13 -8.66
C LEU A 269 2.61 -32.17 -7.90
N ILE A 270 3.25 -32.93 -7.02
CA ILE A 270 2.49 -33.78 -6.09
C ILE A 270 2.76 -33.38 -4.63
N HIS A 271 1.75 -33.51 -3.78
CA HIS A 271 1.81 -33.08 -2.38
C HIS A 271 1.46 -34.24 -1.47
N PRO A 272 1.99 -34.23 -0.22
CA PRO A 272 1.50 -35.17 0.79
C PRO A 272 0.00 -34.98 1.00
N LYS A 273 -0.69 -36.03 1.41
CA LYS A 273 -2.15 -35.96 1.58
C LYS A 273 -2.61 -34.88 2.58
N ASP A 274 -1.78 -34.57 3.57
CA ASP A 274 -2.15 -33.56 4.57
C ASP A 274 -1.76 -32.12 4.16
N TYR A 275 -1.40 -31.93 2.91
CA TYR A 275 -1.04 -30.59 2.40
C TYR A 275 -2.21 -29.62 2.48
N SER A 276 -1.92 -28.41 2.92
CA SER A 276 -2.90 -27.36 3.06
C SER A 276 -2.21 -26.07 2.65
N TYR A 277 -2.58 -25.55 1.47
CA TYR A 277 -2.03 -24.30 1.00
C TYR A 277 -2.18 -23.18 2.05
N PHE A 278 -3.38 -23.04 2.60
CA PHE A 278 -3.64 -21.96 3.55
C PHE A 278 -2.89 -22.07 4.87
N ASN A 279 -2.61 -23.30 5.30
CA ASN A 279 -1.77 -23.45 6.47
C ASN A 279 -0.34 -22.95 6.21
N THR A 280 0.20 -23.29 5.05
CA THR A 280 1.52 -22.82 4.65
C THR A 280 1.54 -21.29 4.50
N LEU A 281 0.51 -20.76 3.82
CA LEU A 281 0.40 -19.31 3.60
C LEU A 281 0.33 -18.55 4.94
N SER A 282 -0.54 -18.99 5.84
CA SER A 282 -0.73 -18.30 7.11
C SER A 282 0.49 -18.43 8.02
N THR A 283 1.12 -19.60 8.02
CA THR A 283 2.38 -19.78 8.75
C THR A 283 3.49 -18.89 8.19
N LYS A 284 3.72 -18.92 6.88
CA LYS A 284 4.78 -18.11 6.29
C LYS A 284 4.58 -16.61 6.46
N LEU A 285 3.34 -16.12 6.34
CA LEU A 285 3.10 -14.68 6.44
C LEU A 285 2.75 -14.17 7.82
N GLY A 286 2.62 -15.07 8.78
CA GLY A 286 2.30 -14.70 10.17
C GLY A 286 0.85 -14.31 10.37
N TRP A 287 -0.06 -14.93 9.61
CA TRP A 287 -1.48 -14.62 9.75
C TRP A 287 -2.04 -15.41 10.92
N SER A 288 -3.08 -14.87 11.56
CA SER A 288 -3.67 -15.51 12.74
C SER A 288 -4.39 -16.82 12.42
N LYS A 289 -4.37 -17.74 13.37
CA LYS A 289 -5.00 -19.05 13.24
C LYS A 289 -6.37 -19.03 13.95
N LYS A 290 -6.92 -20.20 14.29
CA LYS A 290 -8.26 -20.26 14.88
C LYS A 290 -8.38 -19.40 16.13
N LEU A 291 -9.54 -18.79 16.31
CA LEU A 291 -9.79 -17.93 17.46
C LEU A 291 -10.77 -18.56 18.44
N PHE A 292 -11.85 -19.13 17.89
CA PHE A 292 -13.02 -19.49 18.69
C PHE A 292 -13.08 -20.97 19.04
N HIS B 4 13.50 12.62 43.04
CA HIS B 4 12.78 12.09 44.24
C HIS B 4 11.26 12.30 44.14
N PHE B 5 10.52 11.26 44.50
CA PHE B 5 9.07 11.28 44.46
C PHE B 5 8.55 11.17 45.89
N LYS B 6 7.45 11.86 46.15
CA LYS B 6 6.89 11.95 47.50
C LYS B 6 5.49 11.36 47.56
N CYS B 7 4.69 11.69 46.55
CA CYS B 7 3.30 11.29 46.51
C CYS B 7 3.05 10.55 45.20
N ILE B 8 2.55 9.32 45.31
CA ILE B 8 2.37 8.43 44.16
C ILE B 8 0.91 8.07 44.01
N GLY B 9 0.38 8.26 42.80
CA GLY B 9 -0.98 7.87 42.51
C GLY B 9 -1.01 6.52 41.83
N ILE B 10 -2.05 5.74 42.11
CA ILE B 10 -2.32 4.52 41.35
C ILE B 10 -3.65 4.67 40.62
N VAL B 11 -3.62 4.54 39.29
CA VAL B 11 -4.79 4.81 38.45
C VAL B 11 -5.01 3.69 37.43
N GLY B 12 -6.19 3.69 36.80
CA GLY B 12 -6.56 2.66 35.82
C GLY B 12 -7.59 1.68 36.35
N HIS B 13 -8.19 0.89 35.45
CA HIS B 13 -9.22 -0.10 35.85
C HIS B 13 -8.76 -1.54 35.69
N THR B 21 -4.76 -8.48 41.70
CA THR B 21 -3.57 -8.70 42.53
C THR B 21 -2.44 -7.70 42.23
N THR B 22 -2.39 -7.21 40.99
CA THR B 22 -1.42 -6.18 40.60
C THR B 22 -1.63 -4.91 41.44
N HIS B 23 -2.88 -4.45 41.51
CA HIS B 23 -3.27 -3.28 42.29
C HIS B 23 -2.98 -3.47 43.78
N GLU B 24 -3.26 -4.68 44.27
CA GLU B 24 -3.16 -5.01 45.70
C GLU B 24 -1.70 -5.05 46.18
N MET B 25 -0.83 -5.67 45.38
CA MET B 25 0.59 -5.77 45.70
C MET B 25 1.28 -4.41 45.51
N LEU B 26 0.83 -3.64 44.52
CA LEU B 26 1.37 -2.31 44.23
C LEU B 26 1.18 -1.36 45.41
N TYR B 27 -0.07 -1.23 45.85
CA TYR B 27 -0.42 -0.35 46.96
C TYR B 27 0.39 -0.68 48.21
N ARG B 28 0.39 -1.96 48.59
CA ARG B 28 1.05 -2.37 49.82
C ARG B 28 2.54 -2.10 49.76
N TRP B 29 3.16 -2.41 48.63
CA TRP B 29 4.59 -2.20 48.45
C TRP B 29 4.97 -0.73 48.55
N LEU B 30 4.20 0.14 47.88
CA LEU B 30 4.42 1.60 47.92
C LEU B 30 4.25 2.17 49.33
N CYS B 31 3.23 1.72 50.04
CA CYS B 31 3.00 2.15 51.42
C CYS B 31 4.17 1.74 52.31
N ASP B 32 4.60 0.50 52.17
CA ASP B 32 5.72 -0.03 52.96
C ASP B 32 7.04 0.70 52.73
N GLN B 33 7.21 1.23 51.52
CA GLN B 33 8.37 2.04 51.15
C GLN B 33 8.31 3.44 51.76
N GLY B 34 7.15 3.79 52.32
CA GLY B 34 6.99 5.08 52.98
C GLY B 34 6.42 6.21 52.14
N TYR B 35 5.92 5.89 50.94
CA TYR B 35 5.32 6.90 50.08
C TYR B 35 3.92 7.26 50.53
N GLU B 36 3.56 8.51 50.32
CA GLU B 36 2.18 8.94 50.40
C GLU B 36 1.49 8.42 49.15
N VAL B 37 0.56 7.49 49.33
CA VAL B 37 -0.11 6.84 48.21
C VAL B 37 -1.56 7.28 48.09
N ILE B 38 -1.97 7.64 46.88
CA ILE B 38 -3.37 7.96 46.60
C ILE B 38 -3.89 7.08 45.47
N VAL B 39 -5.07 6.53 45.69
CA VAL B 39 -5.62 5.52 44.81
C VAL B 39 -6.87 6.10 44.17
N GLU B 40 -7.02 5.88 42.87
CA GLU B 40 -8.22 6.24 42.16
C GLU B 40 -9.43 5.59 42.85
N GLN B 41 -10.52 6.34 42.99
CA GLN B 41 -11.69 5.90 43.76
C GLN B 41 -12.16 4.50 43.39
N GLN B 42 -12.25 4.25 42.09
CA GLN B 42 -12.69 2.97 41.52
C GLN B 42 -11.89 1.78 42.08
N ILE B 43 -10.59 1.75 41.82
CA ILE B 43 -9.79 0.60 42.26
C ILE B 43 -9.68 0.43 43.78
N ALA B 44 -9.98 1.49 44.53
CA ALA B 44 -10.10 1.38 45.99
C ALA B 44 -11.44 0.76 46.41
N HIS B 45 -12.47 1.04 45.61
CA HIS B 45 -13.87 0.68 45.94
C HIS B 45 -14.39 -0.51 45.13
N GLU B 46 -13.95 -0.63 43.88
CA GLU B 46 -14.30 -1.77 43.01
C GLU B 46 -13.59 -3.05 43.43
N LEU B 47 -12.48 -2.89 44.15
CA LEU B 47 -11.74 -4.04 44.68
C LEU B 47 -11.92 -4.19 46.19
N GLN B 48 -12.34 -3.11 46.86
CA GLN B 48 -12.63 -3.10 48.31
C GLN B 48 -11.48 -3.64 49.17
N LEU B 49 -10.27 -3.15 48.92
CA LEU B 49 -9.06 -3.63 49.58
C LEU B 49 -9.03 -3.30 51.08
N ASN B 51 -9.52 2.44 55.51
CA ASN B 51 -9.65 3.28 54.33
C ASN B 51 -8.30 3.78 53.80
N VAL B 52 -8.35 4.57 52.73
CA VAL B 52 -7.16 4.96 51.98
C VAL B 52 -7.42 6.36 51.38
N PRO B 53 -6.37 7.20 51.27
CA PRO B 53 -6.55 8.41 50.49
C PRO B 53 -6.98 8.05 49.07
N THR B 54 -8.11 8.60 48.64
CA THR B 54 -8.61 8.37 47.30
C THR B 54 -8.69 9.69 46.55
N GLY B 55 -8.86 9.58 45.24
CA GLY B 55 -8.99 10.75 44.43
C GLY B 55 -9.38 10.41 43.02
N THR B 56 -9.98 11.38 42.35
CA THR B 56 -10.26 11.25 40.94
C THR B 56 -8.93 11.42 40.21
N LEU B 57 -8.94 11.12 38.92
CA LEU B 57 -7.76 11.29 38.08
C LEU B 57 -7.24 12.72 38.15
N ALA B 58 -8.14 13.69 38.04
CA ALA B 58 -7.79 15.10 38.14
C ALA B 58 -7.18 15.48 39.51
N GLU B 59 -7.76 14.98 40.60
CA GLU B 59 -7.24 15.21 41.95
C GLU B 59 -5.84 14.61 42.13
N ILE B 60 -5.65 13.40 41.60
CA ILE B 60 -4.35 12.74 41.62
C ILE B 60 -3.33 13.53 40.77
N GLY B 61 -3.75 14.00 39.60
CA GLY B 61 -2.92 14.90 38.79
C GLY B 61 -2.40 16.09 39.58
N GLN B 62 -3.28 16.73 40.35
CA GLN B 62 -2.90 17.89 41.18
C GLN B 62 -1.95 17.58 42.32
N GLN B 63 -2.17 16.45 42.98
CA GLN B 63 -1.48 16.13 44.24
C GLN B 63 -0.18 15.36 44.08
N ALA B 64 -0.18 14.40 43.16
CA ALA B 64 0.92 13.44 43.07
C ALA B 64 2.06 13.87 42.15
N ASP B 65 3.25 13.39 42.48
CA ASP B 65 4.47 13.55 41.67
C ASP B 65 4.57 12.50 40.55
N LEU B 66 3.96 11.34 40.78
CA LEU B 66 4.03 10.24 39.84
C LEU B 66 2.72 9.49 39.88
N ALA B 67 2.21 9.13 38.72
CA ALA B 67 1.08 8.24 38.61
C ALA B 67 1.53 6.93 37.98
N VAL B 68 1.16 5.83 38.60
CA VAL B 68 1.37 4.50 38.03
C VAL B 68 0.04 3.99 37.48
N VAL B 69 0.02 3.74 36.17
CA VAL B 69 -1.21 3.33 35.47
C VAL B 69 -1.21 1.81 35.33
N VAL B 70 -2.24 1.16 35.84
CA VAL B 70 -2.35 -0.30 35.72
C VAL B 70 -3.32 -0.65 34.59
N GLY B 71 -3.03 -1.72 33.84
CA GLY B 71 -4.02 -2.32 32.95
C GLY B 71 -3.84 -2.20 31.44
N GLY B 72 -2.73 -1.62 30.98
CA GLY B 72 -2.37 -1.64 29.56
C GLY B 72 -2.49 -0.30 28.81
N ASP B 73 -2.25 -0.33 27.49
CA ASP B 73 -2.26 0.87 26.63
C ASP B 73 -3.61 1.63 26.70
N GLY B 74 -4.74 0.92 26.85
CA GLY B 74 -6.09 1.55 26.92
C GLY B 74 -6.40 2.37 28.17
N ASN B 75 -6.03 1.84 29.34
CA ASN B 75 -6.07 2.60 30.57
C ASN B 75 -5.11 3.78 30.49
N MET B 76 -3.97 3.57 29.84
CA MET B 76 -3.03 4.67 29.64
C MET B 76 -3.61 5.86 28.87
N LEU B 77 -4.38 5.60 27.82
CA LEU B 77 -4.97 6.69 27.03
C LEU B 77 -5.89 7.57 27.85
N GLY B 78 -6.85 6.96 28.55
CA GLY B 78 -7.73 7.68 29.44
C GLY B 78 -6.95 8.47 30.48
N ALA B 79 -5.98 7.82 31.11
CA ALA B 79 -5.16 8.46 32.14
C ALA B 79 -4.38 9.64 31.57
N ALA B 80 -3.82 9.45 30.36
CA ALA B 80 -2.96 10.45 29.74
C ALA B 80 -3.69 11.75 29.41
N ARG B 81 -4.92 11.64 28.91
CA ARG B 81 -5.65 12.84 28.53
C ARG B 81 -5.81 13.78 29.74
N THR B 82 -6.05 13.22 30.92
CA THR B 82 -6.24 14.09 32.11
C THR B 82 -4.90 14.48 32.71
N LEU B 83 -4.02 13.50 32.92
CA LEU B 83 -2.76 13.77 33.62
C LEU B 83 -1.83 14.69 32.85
N ALA B 84 -1.97 14.72 31.52
CA ALA B 84 -1.28 15.73 30.68
C ALA B 84 -1.52 17.18 31.11
N ARG B 85 -2.67 17.46 31.74
CA ARG B 85 -2.96 18.81 32.21
C ARG B 85 -2.10 19.24 33.40
N TYR B 86 -1.37 18.29 34.01
CA TYR B 86 -0.64 18.53 35.26
C TYR B 86 0.86 18.24 35.14
N ASP B 87 1.66 18.70 36.09
CA ASP B 87 3.12 18.47 36.05
C ASP B 87 3.56 17.00 36.36
N ILE B 88 2.58 16.16 36.67
CA ILE B 88 2.81 14.80 37.14
C ILE B 88 3.57 13.91 36.14
N ASN B 89 4.47 13.06 36.62
CA ASN B 89 5.13 12.07 35.77
C ASN B 89 4.24 10.85 35.67
N VAL B 90 4.25 10.17 34.53
CA VAL B 90 3.32 9.06 34.29
C VAL B 90 4.07 7.84 33.73
N ILE B 91 3.74 6.67 34.24
CA ILE B 91 4.33 5.42 33.78
C ILE B 91 3.27 4.34 33.89
N GLY B 92 3.29 3.38 32.96
CA GLY B 92 2.26 2.35 32.92
C GLY B 92 2.77 0.93 32.93
N ILE B 93 1.94 0.03 33.44
CA ILE B 93 2.23 -1.40 33.47
C ILE B 93 1.51 -2.02 32.27
N ASN B 94 2.22 -2.82 31.48
CA ASN B 94 1.57 -3.39 30.31
C ASN B 94 0.77 -4.64 30.63
N ARG B 95 0.10 -5.17 29.61
CA ARG B 95 -0.72 -6.38 29.72
C ARG B 95 0.11 -7.66 29.56
N GLY B 96 1.43 -7.51 29.60
CA GLY B 96 2.36 -8.63 29.46
C GLY B 96 3.19 -8.51 28.21
N ASN B 97 2.58 -7.94 27.17
CA ASN B 97 3.25 -7.64 25.91
C ASN B 97 3.56 -6.15 25.93
N LEU B 98 4.71 -5.78 25.40
CA LEU B 98 5.16 -4.41 25.45
C LEU B 98 4.16 -3.50 24.72
N GLY B 99 3.95 -2.30 25.26
CA GLY B 99 3.05 -1.32 24.65
C GLY B 99 3.88 -0.11 24.30
N PHE B 100 3.36 0.74 23.42
CA PHE B 100 4.07 1.97 23.09
C PHE B 100 4.08 2.99 24.22
N LEU B 101 3.09 2.92 25.11
CA LEU B 101 3.00 3.85 26.24
C LEU B 101 3.14 3.18 27.61
N THR B 102 3.20 1.86 27.63
CA THR B 102 3.29 1.12 28.90
C THR B 102 4.58 0.31 28.97
N ASP B 103 5.55 0.83 29.72
CA ASP B 103 6.90 0.27 29.77
C ASP B 103 7.11 -0.88 30.79
N LEU B 104 6.30 -0.96 31.83
CA LEU B 104 6.53 -1.94 32.92
C LEU B 104 5.92 -3.32 32.67
N ASP B 105 6.71 -4.36 32.87
CA ASP B 105 6.25 -5.75 32.77
C ASP B 105 5.39 -6.07 33.98
N PRO B 106 4.24 -6.74 33.79
CA PRO B 106 3.41 -7.09 34.93
C PRO B 106 4.07 -8.05 35.94
N ASP B 107 4.91 -8.97 35.48
CA ASP B 107 5.50 -9.97 36.40
C ASP B 107 6.53 -9.35 37.37
N ASN B 108 7.40 -8.48 36.89
CA ASN B 108 8.34 -7.82 37.80
C ASN B 108 8.23 -6.29 37.82
N ALA B 109 6.99 -5.80 37.73
CA ALA B 109 6.72 -4.36 37.75
C ALA B 109 7.32 -3.65 38.97
N LEU B 110 7.25 -4.30 40.14
CA LEU B 110 7.73 -3.71 41.38
C LEU B 110 9.25 -3.51 41.39
N GLN B 111 9.98 -4.50 40.89
CA GLN B 111 11.41 -4.41 40.75
C GLN B 111 11.80 -3.24 39.82
N GLN B 112 11.11 -3.13 38.69
CA GLN B 112 11.40 -2.08 37.71
C GLN B 112 11.04 -0.71 38.29
N LEU B 113 9.88 -0.63 38.92
CA LEU B 113 9.44 0.61 39.57
C LEU B 113 10.41 1.08 40.65
N SER B 114 10.93 0.14 41.44
CA SER B 114 11.92 0.41 42.46
C SER B 114 13.11 1.18 41.87
N ASP B 115 13.60 0.73 40.71
CA ASP B 115 14.71 1.38 40.02
C ASP B 115 14.37 2.81 39.59
N VAL B 116 13.18 3.00 39.04
CA VAL B 116 12.71 4.34 38.68
C VAL B 116 12.60 5.26 39.90
N LEU B 117 12.02 4.76 40.99
CA LEU B 117 11.87 5.55 42.23
C LEU B 117 13.23 5.91 42.84
N GLU B 118 14.23 5.09 42.52
CA GLU B 118 15.62 5.34 42.90
C GLU B 118 16.27 6.45 42.05
N GLY B 119 15.58 6.89 41.00
CA GLY B 119 16.10 7.96 40.14
C GLY B 119 16.66 7.49 38.80
N ARG B 120 16.56 6.19 38.52
CA ARG B 120 17.03 5.68 37.24
C ARG B 120 15.88 5.68 36.24
N TYR B 121 15.76 6.78 35.50
CA TYR B 121 14.70 6.94 34.51
C TYR B 121 15.00 8.00 33.48
N ILE B 122 14.27 7.93 32.37
CA ILE B 122 14.34 8.92 31.29
C ILE B 122 12.98 9.64 31.19
N SER B 123 13.02 10.98 31.12
CA SER B 123 11.82 11.79 30.96
C SER B 123 11.56 12.12 29.49
N GLU B 124 10.29 12.15 29.12
CA GLU B 124 9.88 12.46 27.76
C GLU B 124 8.51 13.14 27.72
N LYS B 125 8.36 14.15 26.87
CA LYS B 125 7.07 14.81 26.67
C LYS B 125 6.40 14.27 25.41
N ARG B 126 5.08 14.06 25.48
CA ARG B 126 4.29 13.74 24.29
C ARG B 126 3.22 14.81 24.12
N PHE B 127 3.07 15.33 22.90
CA PHE B 127 2.02 16.30 22.63
C PHE B 127 0.69 15.60 22.32
N LEU B 128 -0.41 16.31 22.55
CA LEU B 128 -1.76 15.81 22.33
C LEU B 128 -2.48 16.67 21.29
N LEU B 129 -3.52 16.11 20.69
CA LEU B 129 -4.42 16.88 19.85
C LEU B 129 -5.61 17.34 20.67
N GLU B 130 -6.12 18.50 20.29
CA GLU B 130 -7.36 19.03 20.82
C GLU B 130 -8.35 19.19 19.63
N ALA B 131 -9.51 18.55 19.72
CA ALA B 131 -10.54 18.67 18.70
C ALA B 131 -11.74 19.43 19.24
N GLN B 132 -12.15 20.48 18.52
CA GLN B 132 -13.33 21.27 18.85
C GLN B 132 -14.40 21.12 17.80
N VAL B 133 -15.63 20.90 18.23
CA VAL B 133 -16.78 20.99 17.35
C VAL B 133 -17.38 22.38 17.54
N CYS B 134 -17.51 23.11 16.44
CA CYS B 134 -17.82 24.54 16.46
C CYS B 134 -19.06 24.90 15.65
N GLN B 135 -19.84 25.83 16.20
CA GLN B 135 -20.96 26.42 15.49
C GLN B 135 -20.51 27.88 15.32
N GLN B 136 -19.93 28.17 14.16
CA GLN B 136 -19.21 29.44 13.93
C GLN B 136 -18.07 29.66 14.92
N ASP B 137 -18.13 30.72 15.71
CA ASP B 137 -17.08 30.99 16.69
C ASP B 137 -17.35 30.33 18.05
N ARG B 138 -18.54 29.77 18.23
CA ARG B 138 -18.88 29.06 19.45
C ARG B 138 -18.37 27.60 19.47
N GLN B 139 -17.55 27.27 20.45
CA GLN B 139 -17.22 25.88 20.73
C GLN B 139 -18.47 25.23 21.28
N LYS B 140 -18.84 24.09 20.69
CA LYS B 140 -20.00 23.33 21.15
C LYS B 140 -19.58 22.12 21.97
N ARG B 141 -18.49 21.48 21.57
CA ARG B 141 -17.83 20.47 22.38
C ARG B 141 -16.35 20.36 22.10
N ILE B 142 -15.65 19.70 23.02
CA ILE B 142 -14.20 19.58 22.95
C ILE B 142 -13.76 18.23 23.51
N SER B 143 -12.66 17.72 22.99
CA SER B 143 -11.97 16.59 23.57
C SER B 143 -10.51 16.62 23.11
N THR B 144 -9.70 15.86 23.80
CA THR B 144 -8.32 15.78 23.42
C THR B 144 -8.03 14.33 23.03
N ALA B 145 -6.84 14.12 22.50
CA ALA B 145 -6.46 12.81 22.01
C ALA B 145 -4.96 12.67 22.12
N ILE B 146 -4.51 11.58 22.71
CA ILE B 146 -3.08 11.31 22.72
C ILE B 146 -2.65 10.58 21.43
N ASN B 147 -3.53 9.75 20.90
CA ASN B 147 -3.27 8.95 19.71
C ASN B 147 -3.80 9.62 18.43
N GLU B 148 -5.13 9.69 18.31
CA GLU B 148 -5.76 10.24 17.11
C GLU B 148 -7.19 10.75 17.28
N VAL B 149 -7.61 11.55 16.30
CA VAL B 149 -8.98 12.00 16.14
C VAL B 149 -9.44 11.40 14.82
N VAL B 150 -10.58 10.72 14.82
CA VAL B 150 -11.10 10.12 13.60
C VAL B 150 -12.46 10.73 13.21
N LEU B 151 -12.53 11.33 12.03
CA LEU B 151 -13.80 11.79 11.42
C LEU B 151 -14.45 10.66 10.64
N HIS B 152 -15.70 10.34 10.94
CA HIS B 152 -16.39 9.23 10.28
C HIS B 152 -17.89 9.27 10.58
N PRO B 153 -18.72 8.67 9.70
CA PRO B 153 -20.10 8.45 10.14
C PRO B 153 -20.08 7.46 11.29
N GLY B 154 -20.88 7.70 12.33
CA GLY B 154 -20.78 6.91 13.56
C GLY B 154 -21.43 5.55 13.46
N LYS B 155 -22.49 5.48 12.65
CA LYS B 155 -23.39 4.34 12.66
C LYS B 155 -23.19 3.43 11.45
N VAL B 156 -23.27 4.01 10.25
CA VAL B 156 -23.20 3.25 9.02
C VAL B 156 -22.16 3.86 8.09
N ALA B 157 -21.24 3.00 7.61
CA ALA B 157 -20.24 3.39 6.62
C ALA B 157 -20.90 3.82 5.29
N HIS B 158 -20.48 4.99 4.81
CA HIS B 158 -21.07 5.65 3.64
C HIS B 158 -20.08 6.74 3.29
N MET B 159 -19.97 7.16 2.02
CA MET B 159 -19.03 8.25 1.75
C MET B 159 -19.51 9.57 2.35
N ILE B 160 -18.54 10.37 2.78
CA ILE B 160 -18.79 11.74 3.16
C ILE B 160 -17.86 12.57 2.28
N GLU B 161 -18.14 13.86 2.18
CA GLU B 161 -17.23 14.74 1.49
C GLU B 161 -16.87 15.85 2.43
N PHE B 162 -15.58 16.14 2.50
CA PHE B 162 -15.09 17.18 3.37
C PHE B 162 -13.98 18.01 2.74
N GLU B 163 -13.83 19.21 3.27
CA GLU B 163 -12.84 20.17 2.81
C GLU B 163 -11.88 20.37 3.96
N VAL B 164 -10.59 20.36 3.65
CA VAL B 164 -9.56 20.49 4.66
C VAL B 164 -8.87 21.84 4.47
N TYR B 165 -8.84 22.62 5.56
CA TYR B 165 -8.19 23.92 5.61
C TYR B 165 -7.03 23.77 6.58
N ILE B 166 -5.84 24.14 6.13
CA ILE B 166 -4.66 24.07 7.01
C ILE B 166 -4.22 25.49 7.23
N ASP B 167 -4.08 25.87 8.50
CA ASP B 167 -3.87 27.27 8.91
C ASP B 167 -4.82 28.21 8.17
N GLU B 168 -6.10 27.82 8.18
CA GLU B 168 -7.20 28.59 7.61
C GLU B 168 -7.21 28.76 6.10
N THR B 169 -6.28 28.11 5.41
CA THR B 169 -6.23 28.17 3.95
C THR B 169 -6.71 26.85 3.38
N PHE B 170 -7.56 26.90 2.36
CA PHE B 170 -8.07 25.69 1.73
C PHE B 170 -6.93 24.85 1.18
N ALA B 171 -6.93 23.57 1.54
CA ALA B 171 -5.87 22.69 1.11
C ALA B 171 -6.36 21.72 0.04
N PHE B 172 -7.41 20.97 0.35
CA PHE B 172 -7.96 20.00 -0.60
C PHE B 172 -9.31 19.51 -0.09
N SER B 173 -10.07 18.90 -0.97
CA SER B 173 -11.30 18.24 -0.56
C SER B 173 -11.21 16.76 -0.87
N GLN B 174 -12.08 15.97 -0.25
CA GLN B 174 -11.97 14.54 -0.37
C GLN B 174 -13.31 13.87 -0.18
N ARG B 175 -13.57 12.86 -1.01
CA ARG B 175 -14.69 11.95 -0.78
C ARG B 175 -14.12 10.65 -0.24
N SER B 176 -14.61 10.21 0.91
CA SER B 176 -14.05 8.98 1.53
C SER B 176 -14.95 8.49 2.66
N ASP B 177 -14.50 7.48 3.40
CA ASP B 177 -15.23 6.96 4.56
C ASP B 177 -14.86 7.75 5.82
N GLY B 178 -13.86 8.63 5.71
CA GLY B 178 -13.42 9.39 6.88
C GLY B 178 -11.96 9.85 6.83
N LEU B 179 -11.46 10.33 7.97
CA LEU B 179 -10.13 10.91 8.02
C LEU B 179 -9.55 10.63 9.40
N ILE B 180 -8.31 10.18 9.45
CA ILE B 180 -7.61 9.94 10.71
C ILE B 180 -6.54 11.04 10.85
N ILE B 181 -6.55 11.74 11.97
CA ILE B 181 -5.55 12.75 12.24
C ILE B 181 -4.80 12.27 13.48
N SER B 182 -3.52 11.97 13.33
CA SER B 182 -2.78 11.39 14.45
C SER B 182 -1.51 12.10 14.87
N THR B 183 -1.22 11.97 16.17
CA THR B 183 0.05 12.40 16.75
C THR B 183 1.14 11.38 16.42
N PRO B 184 2.42 11.75 16.63
CA PRO B 184 3.44 10.69 16.55
C PRO B 184 3.16 9.50 17.48
N THR B 185 2.67 9.74 18.70
CA THR B 185 2.30 8.62 19.59
C THR B 185 1.25 7.73 18.90
N GLY B 186 0.28 8.35 18.22
CA GLY B 186 -0.81 7.59 17.57
C GLY B 186 -0.42 6.95 16.24
N SER B 187 0.75 7.29 15.72
CA SER B 187 1.16 6.83 14.40
C SER B 187 1.26 5.31 14.31
N THR B 188 1.42 4.64 15.45
CA THR B 188 1.51 3.17 15.49
C THR B 188 0.18 2.47 15.83
N ALA B 189 -0.87 3.25 16.03
CA ALA B 189 -2.18 2.68 16.41
C ALA B 189 -3.10 2.57 15.18
N TYR B 190 -4.31 3.12 15.24
CA TYR B 190 -5.25 3.02 14.13
C TYR B 190 -4.69 3.49 12.77
N SER B 191 -3.98 4.62 12.81
CA SER B 191 -3.31 5.19 11.64
C SER B 191 -2.41 4.17 10.91
N LEU B 192 -1.72 3.34 11.68
CA LEU B 192 -0.86 2.30 11.12
C LEU B 192 -1.64 1.24 10.36
N SER B 193 -2.72 0.75 10.97
CA SER B 193 -3.62 -0.20 10.33
C SER B 193 -4.22 0.37 9.05
N ALA B 194 -4.32 1.71 9.01
CA ALA B 194 -4.91 2.41 7.88
C ALA B 194 -3.89 2.78 6.80
N GLY B 195 -2.63 2.43 7.02
CA GLY B 195 -1.58 2.59 6.02
C GLY B 195 -0.72 3.83 6.22
N GLY B 196 -0.81 4.44 7.40
CA GLY B 196 -0.04 5.65 7.65
C GLY B 196 1.43 5.36 7.92
N PRO B 197 2.28 6.41 7.88
CA PRO B 197 3.67 6.20 8.23
C PRO B 197 3.88 6.19 9.75
N ILE B 198 4.99 5.61 10.20
CA ILE B 198 5.37 5.65 11.61
C ILE B 198 6.13 6.96 11.83
N LEU B 199 5.73 7.70 12.86
CA LEU B 199 6.41 8.95 13.23
C LEU B 199 7.12 8.77 14.57
N THR B 200 8.40 9.12 14.62
CA THR B 200 9.12 9.04 15.89
C THR B 200 8.53 10.04 16.88
N PRO B 201 8.45 9.66 18.16
CA PRO B 201 7.88 10.56 19.18
C PRO B 201 8.54 11.95 19.28
N SER B 202 9.81 12.11 18.89
CA SER B 202 10.45 13.46 18.95
C SER B 202 10.06 14.42 17.80
N LEU B 203 9.04 14.05 17.03
CA LEU B 203 8.71 14.81 15.84
C LEU B 203 7.57 15.81 16.11
N ASP B 204 7.76 17.05 15.69
CA ASP B 204 6.73 18.08 15.76
C ASP B 204 5.87 18.04 14.49
N ALA B 205 5.04 17.00 14.41
CA ALA B 205 4.31 16.70 13.19
C ALA B 205 3.02 15.99 13.51
N ILE B 206 2.04 16.18 12.63
CA ILE B 206 0.73 15.56 12.71
C ILE B 206 0.50 14.87 11.36
N THR B 207 -0.10 13.69 11.36
CA THR B 207 -0.36 12.99 10.09
C THR B 207 -1.84 12.90 9.83
N LEU B 208 -2.22 13.16 8.58
CA LEU B 208 -3.57 13.00 8.10
C LEU B 208 -3.60 11.80 7.14
N VAL B 209 -4.47 10.85 7.43
CA VAL B 209 -4.53 9.59 6.68
C VAL B 209 -5.96 9.38 6.26
N PRO B 210 -6.21 9.28 4.93
CA PRO B 210 -7.57 9.11 4.44
C PRO B 210 -8.11 7.70 4.69
N MET B 211 -9.41 7.56 4.85
CA MET B 211 -10.03 6.24 5.00
C MET B 211 -10.79 5.90 3.73
N PHE B 212 -10.25 4.99 2.93
CA PHE B 212 -10.85 4.58 1.64
C PHE B 212 -11.23 5.77 0.74
N PRO B 213 -10.25 6.61 0.37
CA PRO B 213 -10.57 7.74 -0.48
C PRO B 213 -10.94 7.28 -1.90
N HIS B 214 -11.90 7.96 -2.52
CA HIS B 214 -12.22 7.76 -3.93
C HIS B 214 -11.06 8.11 -4.85
N THR B 215 -10.22 9.06 -4.46
CA THR B 215 -9.10 9.45 -5.30
C THR B 215 -7.92 8.51 -5.02
N LEU B 216 -7.49 7.78 -6.05
CA LEU B 216 -6.49 6.73 -5.89
C LEU B 216 -5.09 7.29 -5.71
N SER B 217 -4.94 8.57 -5.99
CA SER B 217 -3.66 9.25 -5.75
C SER B 217 -3.58 9.94 -4.38
N ALA B 218 -4.63 9.82 -3.57
CA ALA B 218 -4.57 10.34 -2.19
C ALA B 218 -3.50 9.55 -1.44
N ARG B 219 -2.76 10.23 -0.56
CA ARG B 219 -1.67 9.60 0.21
C ARG B 219 -1.63 10.27 1.58
N PRO B 220 -1.10 9.57 2.60
CA PRO B 220 -0.95 10.19 3.91
C PRO B 220 -0.15 11.48 3.78
N LEU B 221 -0.54 12.47 4.58
CA LEU B 221 0.12 13.76 4.57
C LEU B 221 0.64 14.07 5.97
N VAL B 222 1.86 14.59 6.07
CA VAL B 222 2.44 14.91 7.35
C VAL B 222 2.71 16.42 7.35
N ILE B 223 2.20 17.10 8.37
CA ILE B 223 2.29 18.56 8.48
C ILE B 223 2.92 18.96 9.81
N ASN B 224 3.37 20.20 9.91
CA ASN B 224 3.88 20.72 11.18
C ASN B 224 2.82 20.69 12.28
N SER B 225 3.21 20.23 13.47
CA SER B 225 2.28 20.18 14.59
C SER B 225 1.87 21.57 15.12
N SER B 226 2.48 22.64 14.61
CA SER B 226 2.07 23.98 14.96
C SER B 226 0.94 24.48 14.04
N SER B 227 0.57 23.67 13.05
CA SER B 227 -0.52 24.02 12.13
C SER B 227 -1.88 23.63 12.69
N THR B 228 -2.93 24.36 12.29
CA THR B 228 -4.29 23.96 12.65
C THR B 228 -4.97 23.36 11.44
N ILE B 229 -5.97 22.52 11.71
CA ILE B 229 -6.73 21.84 10.68
C ILE B 229 -8.19 22.15 10.94
N ARG B 230 -8.86 22.74 9.95
CA ARG B 230 -10.33 22.90 10.00
C ARG B 230 -10.97 21.99 8.97
N LEU B 231 -12.00 21.26 9.40
CA LEU B 231 -12.78 20.40 8.52
C LEU B 231 -14.19 20.97 8.35
N ARG B 232 -14.58 21.14 7.08
CA ARG B 232 -15.96 21.53 6.72
C ARG B 232 -16.57 20.42 5.88
N PHE B 233 -17.89 20.27 5.97
CA PHE B 233 -18.56 19.10 5.41
C PHE B 233 -19.56 19.42 4.30
N SER B 234 -19.25 18.98 3.08
CA SER B 234 -20.10 19.26 1.93
C SER B 234 -21.08 18.11 1.61
N HIS B 235 -20.82 16.95 2.20
CA HIS B 235 -21.74 15.82 2.08
C HIS B 235 -21.63 15.02 3.37
N ARG B 236 -22.70 14.99 4.13
CA ARG B 236 -22.69 14.32 5.41
C ARG B 236 -23.99 13.56 5.63
N ARG B 237 -24.05 12.76 6.70
CA ARG B 237 -25.30 12.24 7.23
C ARG B 237 -25.44 12.62 8.69
N SER B 238 -26.60 12.31 9.27
CA SER B 238 -26.93 12.65 10.66
C SER B 238 -25.93 12.13 11.67
N ASP B 239 -25.29 11.00 11.36
CA ASP B 239 -24.43 10.29 12.31
C ASP B 239 -22.96 10.73 12.27
N LEU B 240 -22.66 11.80 11.52
CA LEU B 240 -21.30 12.32 11.42
C LEU B 240 -20.72 12.65 12.79
N GLU B 241 -19.53 12.12 13.07
CA GLU B 241 -18.89 12.36 14.36
C GLU B 241 -17.38 12.43 14.24
N ILE B 242 -16.72 12.90 15.30
CA ILE B 242 -15.30 12.67 15.53
C ILE B 242 -15.07 11.86 16.81
N SER B 243 -14.24 10.81 16.69
CA SER B 243 -13.83 10.00 17.84
C SER B 243 -12.39 10.26 18.24
N CYS B 244 -12.20 10.50 19.55
CA CYS B 244 -10.88 10.78 20.08
C CYS B 244 -10.40 9.57 20.86
N ASP B 245 -9.26 9.05 20.41
CA ASP B 245 -8.60 7.90 21.01
C ASP B 245 -9.53 6.70 21.07
N SER B 246 -10.48 6.64 20.14
CA SER B 246 -11.42 5.55 20.04
C SER B 246 -12.18 5.37 21.34
N GLN B 247 -12.26 6.43 22.12
CA GLN B 247 -12.86 6.35 23.45
C GLN B 247 -13.91 7.43 23.67
N ILE B 248 -13.71 8.61 23.09
CA ILE B 248 -14.63 9.76 23.25
C ILE B 248 -15.21 10.22 21.90
N ALA B 249 -16.55 10.13 21.75
CA ALA B 249 -17.22 10.42 20.47
C ALA B 249 -18.04 11.70 20.51
N LEU B 250 -17.72 12.63 19.60
CA LEU B 250 -18.37 13.93 19.56
C LEU B 250 -19.26 14.05 18.32
N PRO B 251 -20.59 14.20 18.53
CA PRO B 251 -21.49 14.34 17.40
C PRO B 251 -21.20 15.65 16.68
N ILE B 252 -21.33 15.62 15.35
CA ILE B 252 -21.21 16.85 14.57
C ILE B 252 -22.57 17.12 13.93
N GLN B 253 -23.28 18.10 14.48
CA GLN B 253 -24.59 18.49 13.95
C GLN B 253 -24.43 19.24 12.64
N GLU B 254 -25.48 19.19 11.82
CA GLU B 254 -25.62 20.04 10.64
C GLU B 254 -25.29 21.52 10.97
N GLY B 255 -24.42 22.12 10.17
CA GLY B 255 -23.99 23.51 10.38
C GLY B 255 -22.79 23.68 11.30
N GLU B 256 -22.26 22.57 11.79
CA GLU B 256 -21.06 22.61 12.62
C GLU B 256 -19.85 22.20 11.79
N ASP B 257 -18.68 22.68 12.20
CA ASP B 257 -17.42 22.24 11.63
C ASP B 257 -16.45 21.85 12.75
N VAL B 258 -15.25 21.42 12.38
CA VAL B 258 -14.29 20.87 13.35
C VAL B 258 -12.96 21.61 13.23
N LEU B 259 -12.38 21.96 14.36
CA LEU B 259 -11.06 22.55 14.41
C LEU B 259 -10.18 21.65 15.25
N ILE B 260 -9.03 21.27 14.67
CA ILE B 260 -8.04 20.43 15.34
C ILE B 260 -6.70 21.17 15.43
N ARG B 261 -6.12 21.15 16.62
CA ARG B 261 -4.84 21.80 16.86
C ARG B 261 -4.07 21.04 17.94
N ARG B 262 -2.77 21.32 18.02
CA ARG B 262 -1.93 20.79 19.08
C ARG B 262 -2.33 21.46 20.38
N CYS B 263 -2.56 20.64 21.38
CA CYS B 263 -2.91 21.04 22.73
C CYS B 263 -1.79 21.85 23.41
N ASP B 264 -2.17 22.80 24.27
CA ASP B 264 -1.18 23.65 24.98
C ASP B 264 -0.40 22.92 26.06
N TYR B 265 -0.88 21.74 26.47
CA TYR B 265 -0.19 20.98 27.51
C TYR B 265 0.24 19.61 27.00
N HIS B 266 1.29 19.07 27.62
CA HIS B 266 1.90 17.81 27.15
C HIS B 266 1.92 16.76 28.26
N LEU B 267 1.89 15.50 27.86
CA LEU B 267 2.03 14.41 28.78
C LEU B 267 3.49 14.23 29.19
N ASN B 268 3.76 14.14 30.49
CA ASN B 268 5.11 13.87 31.01
C ASN B 268 5.29 12.39 31.27
N LEU B 269 5.92 11.70 30.32
CA LEU B 269 6.21 10.29 30.49
C LEU B 269 7.56 10.13 31.16
N ILE B 270 7.67 9.09 31.98
CA ILE B 270 9.00 8.65 32.40
C ILE B 270 9.18 7.17 32.06
N HIS B 271 10.39 6.80 31.68
CA HIS B 271 10.69 5.47 31.17
C HIS B 271 11.78 4.83 32.02
N PRO B 272 11.76 3.50 32.18
CA PRO B 272 12.94 2.83 32.73
C PRO B 272 14.21 3.20 31.96
N LYS B 273 15.36 3.14 32.62
CA LYS B 273 16.62 3.63 32.05
C LYS B 273 17.00 2.93 30.74
N ASP B 274 16.62 1.67 30.60
CA ASP B 274 16.93 0.89 29.41
C ASP B 274 15.84 0.95 28.33
N TYR B 275 14.86 1.83 28.49
CA TYR B 275 13.79 1.94 27.50
C TYR B 275 14.39 2.28 26.15
N SER B 276 13.87 1.66 25.10
CA SER B 276 14.24 2.02 23.73
C SER B 276 13.00 2.04 22.85
N TYR B 277 12.68 3.20 22.31
CA TYR B 277 11.57 3.34 21.37
C TYR B 277 11.66 2.30 20.22
N PHE B 278 12.82 2.23 19.58
CA PHE B 278 12.99 1.32 18.44
C PHE B 278 12.96 -0.16 18.82
N ASN B 279 13.45 -0.50 20.01
CA ASN B 279 13.29 -1.86 20.50
C ASN B 279 11.82 -2.25 20.62
N THR B 280 11.01 -1.36 21.21
CA THR B 280 9.55 -1.58 21.28
C THR B 280 8.94 -1.69 19.89
N LEU B 281 9.20 -0.70 19.04
CA LEU B 281 8.71 -0.70 17.67
C LEU B 281 9.06 -2.01 16.93
N SER B 282 10.33 -2.42 16.96
CA SER B 282 10.78 -3.63 16.27
C SER B 282 10.09 -4.89 16.79
N THR B 283 9.94 -4.95 18.10
CA THR B 283 9.34 -6.10 18.74
C THR B 283 7.87 -6.19 18.35
N LYS B 284 7.15 -5.08 18.49
CA LYS B 284 5.71 -5.06 18.24
C LYS B 284 5.35 -5.35 16.78
N LEU B 285 6.13 -4.80 15.85
CA LEU B 285 5.84 -4.94 14.42
C LEU B 285 6.54 -6.13 13.79
N GLY B 286 7.44 -6.77 14.54
CA GLY B 286 8.17 -7.93 14.07
C GLY B 286 9.23 -7.57 13.03
N TRP B 287 9.94 -6.48 13.28
CA TRP B 287 11.06 -6.07 12.44
C TRP B 287 12.29 -6.81 12.92
N SER B 288 13.26 -7.01 12.04
CA SER B 288 14.49 -7.74 12.40
C SER B 288 15.39 -6.92 13.32
N LYS B 289 16.10 -7.62 14.19
CA LYS B 289 17.06 -6.99 15.08
C LYS B 289 18.47 -7.20 14.53
N LYS B 290 19.51 -7.15 15.36
CA LYS B 290 20.91 -7.17 14.87
C LYS B 290 21.19 -8.32 13.90
N LEU B 291 21.89 -8.03 12.82
CA LEU B 291 22.24 -9.04 11.83
C LEU B 291 23.73 -9.41 11.85
N PHE B 292 24.56 -8.41 12.14
CA PHE B 292 26.01 -8.57 12.10
C PHE B 292 26.59 -8.20 13.47
N PHE C 5 16.47 43.38 -6.03
CA PHE C 5 17.37 42.56 -6.90
C PHE C 5 18.00 43.42 -7.98
N LYS C 6 19.30 43.26 -8.19
CA LYS C 6 20.00 44.06 -9.19
C LYS C 6 20.77 43.20 -10.19
N CYS C 7 21.30 42.07 -9.72
CA CYS C 7 22.06 41.16 -10.57
C CYS C 7 21.39 39.79 -10.62
N ILE C 8 21.15 39.34 -11.85
CA ILE C 8 20.31 38.19 -12.09
C ILE C 8 20.99 37.16 -12.97
N GLY C 9 21.10 35.94 -12.45
CA GLY C 9 21.70 34.83 -13.19
C GLY C 9 20.68 34.07 -13.99
N ILE C 10 21.07 33.62 -15.18
CA ILE C 10 20.24 32.71 -15.97
C ILE C 10 20.93 31.36 -16.03
N VAL C 11 20.22 30.37 -15.49
CA VAL C 11 20.75 29.03 -15.25
C VAL C 11 19.84 28.01 -15.93
N GLY C 12 20.39 26.85 -16.26
CA GLY C 12 19.60 25.74 -16.80
C GLY C 12 20.26 25.07 -17.99
N HIS C 13 20.74 23.84 -17.77
CA HIS C 13 21.54 23.06 -18.75
C HIS C 13 22.60 23.88 -19.51
N THR C 21 14.83 29.40 -26.61
CA THR C 21 13.77 30.37 -26.84
C THR C 21 13.14 30.91 -25.55
N THR C 22 13.09 30.06 -24.52
CA THR C 22 12.69 30.51 -23.19
C THR C 22 13.79 31.36 -22.59
N HIS C 23 15.05 30.98 -22.85
CA HIS C 23 16.21 31.76 -22.44
C HIS C 23 16.25 33.10 -23.15
N GLU C 24 15.79 33.13 -24.40
CA GLU C 24 15.81 34.31 -25.26
C GLU C 24 14.92 35.44 -24.74
N MET C 25 13.63 35.16 -24.57
CA MET C 25 12.65 36.14 -24.09
C MET C 25 13.02 36.66 -22.69
N LEU C 26 13.65 35.79 -21.91
CA LEU C 26 14.07 36.12 -20.54
C LEU C 26 15.28 37.05 -20.55
N TYR C 27 16.31 36.68 -21.32
CA TYR C 27 17.54 37.45 -21.39
C TYR C 27 17.33 38.92 -21.73
N ARG C 28 16.85 39.19 -22.94
CA ARG C 28 16.69 40.57 -23.42
C ARG C 28 15.65 41.38 -22.63
N TRP C 29 14.62 40.70 -22.09
CA TRP C 29 13.65 41.37 -21.22
C TRP C 29 14.30 41.94 -19.96
N LEU C 30 15.19 41.18 -19.35
CA LEU C 30 15.92 41.61 -18.15
C LEU C 30 16.87 42.77 -18.45
N CYS C 31 17.55 42.69 -19.60
CA CYS C 31 18.41 43.78 -20.06
C CYS C 31 17.60 45.06 -20.29
N ASP C 32 16.41 44.90 -20.88
CA ASP C 32 15.49 46.02 -21.12
C ASP C 32 15.03 46.70 -19.84
N GLN C 33 14.81 45.91 -18.79
CA GLN C 33 14.44 46.43 -17.48
C GLN C 33 15.65 47.02 -16.74
N GLY C 34 16.83 46.86 -17.33
CA GLY C 34 18.06 47.50 -16.82
C GLY C 34 18.88 46.69 -15.83
N TYR C 35 18.50 45.44 -15.63
CA TYR C 35 19.20 44.56 -14.70
C TYR C 35 20.58 44.12 -15.21
N GLU C 36 21.48 43.87 -14.27
CA GLU C 36 22.75 43.22 -14.58
C GLU C 36 22.45 41.73 -14.73
N VAL C 37 22.82 41.18 -15.89
CA VAL C 37 22.48 39.79 -16.20
C VAL C 37 23.75 38.98 -16.46
N ILE C 38 23.88 37.89 -15.71
CA ILE C 38 24.97 36.96 -15.89
C ILE C 38 24.40 35.60 -16.33
N VAL C 39 24.88 35.12 -17.47
CA VAL C 39 24.34 33.91 -18.09
C VAL C 39 25.32 32.75 -17.88
N GLU C 40 24.77 31.54 -17.72
CA GLU C 40 25.57 30.33 -17.58
C GLU C 40 26.37 30.09 -18.88
N GLN C 41 27.60 29.60 -18.73
CA GLN C 41 28.56 29.56 -19.84
C GLN C 41 28.17 28.62 -21.00
N GLN C 42 27.59 27.46 -20.67
CA GLN C 42 27.22 26.45 -21.67
C GLN C 42 25.95 26.80 -22.45
N ILE C 43 25.16 27.76 -21.96
CA ILE C 43 23.98 28.25 -22.68
C ILE C 43 24.24 29.60 -23.37
N ALA C 44 25.34 30.24 -23.01
CA ALA C 44 25.78 31.46 -23.70
C ALA C 44 26.63 31.09 -24.92
N HIS C 45 27.47 30.06 -24.77
CA HIS C 45 28.35 29.60 -25.86
C HIS C 45 27.59 28.78 -26.90
N GLU C 46 26.42 28.25 -26.51
CA GLU C 46 25.54 27.54 -27.45
C GLU C 46 24.63 28.52 -28.21
N LEU C 47 23.75 29.20 -27.48
CA LEU C 47 22.75 30.08 -28.07
C LEU C 47 23.10 31.55 -27.82
N GLN C 48 23.11 32.35 -28.88
CA GLN C 48 23.38 33.79 -28.78
C GLN C 48 22.08 34.59 -28.65
N VAL C 52 27.68 39.65 -23.65
CA VAL C 52 27.02 39.20 -22.42
C VAL C 52 28.02 38.61 -21.42
N PRO C 53 28.09 39.18 -20.20
CA PRO C 53 28.93 38.59 -19.16
C PRO C 53 28.41 37.22 -18.73
N THR C 54 29.33 36.29 -18.51
CA THR C 54 28.99 34.91 -18.17
C THR C 54 29.77 34.39 -16.96
N GLY C 55 29.33 33.25 -16.43
CA GLY C 55 30.00 32.60 -15.33
C GLY C 55 29.56 31.17 -15.17
N THR C 56 30.34 30.39 -14.43
CA THR C 56 29.94 29.05 -14.02
C THR C 56 28.80 29.16 -13.00
N LEU C 57 28.15 28.04 -12.70
CA LEU C 57 27.01 28.03 -11.77
C LEU C 57 27.42 28.58 -10.41
N ALA C 58 28.62 28.19 -9.97
CA ALA C 58 29.17 28.65 -8.70
C ALA C 58 29.39 30.16 -8.71
N GLU C 59 29.96 30.67 -9.81
CA GLU C 59 30.17 32.11 -9.99
C GLU C 59 28.87 32.91 -9.95
N ILE C 60 27.81 32.37 -10.55
CA ILE C 60 26.49 32.99 -10.49
C ILE C 60 25.95 32.98 -9.04
N GLY C 61 26.16 31.87 -8.34
CA GLY C 61 25.79 31.76 -6.93
C GLY C 61 26.45 32.84 -6.08
N GLN C 62 27.73 33.09 -6.37
CA GLN C 62 28.55 34.09 -5.70
C GLN C 62 28.15 35.52 -6.03
N GLN C 63 27.76 35.76 -7.27
CA GLN C 63 27.59 37.13 -7.78
C GLN C 63 26.16 37.66 -7.84
N ALA C 64 25.21 36.81 -8.18
CA ALA C 64 23.85 37.28 -8.43
C ALA C 64 23.04 37.37 -7.14
N ASP C 65 22.00 38.21 -7.18
CA ASP C 65 21.02 38.33 -6.11
C ASP C 65 19.94 37.26 -6.31
N LEU C 66 19.71 36.92 -7.57
CA LEU C 66 18.67 35.97 -7.95
C LEU C 66 19.13 35.09 -9.11
N ALA C 67 18.87 33.79 -9.02
CA ALA C 67 19.09 32.90 -10.14
C ALA C 67 17.76 32.39 -10.68
N VAL C 68 17.55 32.58 -11.98
CA VAL C 68 16.39 32.06 -12.66
C VAL C 68 16.80 30.77 -13.39
N VAL C 69 16.19 29.66 -13.02
CA VAL C 69 16.50 28.39 -13.67
C VAL C 69 15.39 27.95 -14.63
N VAL C 70 15.78 27.67 -15.86
CA VAL C 70 14.85 27.29 -16.93
C VAL C 70 14.87 25.78 -17.12
N GLY C 71 13.69 25.20 -17.41
CA GLY C 71 13.59 23.79 -17.78
C GLY C 71 12.97 22.84 -16.76
N GLY C 72 12.14 23.39 -15.87
CA GLY C 72 11.39 22.58 -14.90
C GLY C 72 12.16 22.00 -13.72
N ASP C 73 11.49 21.14 -12.96
CA ASP C 73 12.03 20.49 -11.77
C ASP C 73 13.37 19.77 -12.03
N GLY C 74 13.51 19.18 -13.22
CA GLY C 74 14.74 18.50 -13.65
C GLY C 74 16.04 19.30 -13.55
N ASN C 75 16.10 20.43 -14.26
CA ASN C 75 17.29 21.31 -14.21
C ASN C 75 17.47 21.96 -12.84
N MET C 76 16.35 22.18 -12.16
CA MET C 76 16.33 22.78 -10.83
C MET C 76 17.11 21.96 -9.79
N LEU C 77 17.04 20.62 -9.88
CA LEU C 77 17.74 19.75 -8.93
C LEU C 77 19.24 19.97 -8.89
N GLY C 78 19.87 19.88 -10.08
CA GLY C 78 21.31 20.12 -10.23
C GLY C 78 21.69 21.54 -9.84
N ALA C 79 20.93 22.51 -10.33
CA ALA C 79 21.15 23.90 -9.97
C ALA C 79 21.03 24.10 -8.46
N ALA C 80 20.03 23.48 -7.84
CA ALA C 80 19.76 23.63 -6.40
C ALA C 80 20.91 23.21 -5.51
N ARG C 81 21.60 22.12 -5.87
CA ARG C 81 22.67 21.59 -5.02
C ARG C 81 23.84 22.57 -4.90
N THR C 82 24.13 23.30 -5.98
CA THR C 82 25.21 24.29 -5.95
C THR C 82 24.71 25.60 -5.33
N LEU C 83 23.57 26.08 -5.81
CA LEU C 83 23.03 27.37 -5.36
C LEU C 83 22.69 27.42 -3.88
N ALA C 84 22.36 26.27 -3.29
CA ALA C 84 22.10 26.16 -1.84
C ALA C 84 23.30 26.61 -1.01
N ARG C 85 24.51 26.43 -1.55
CA ARG C 85 25.73 26.83 -0.86
C ARG C 85 25.86 28.35 -0.69
N TYR C 86 25.03 29.11 -1.38
CA TYR C 86 25.16 30.55 -1.44
C TYR C 86 23.92 31.31 -0.95
N ASP C 87 24.12 32.59 -0.65
CA ASP C 87 23.05 33.48 -0.17
C ASP C 87 21.91 33.72 -1.20
N ILE C 88 22.18 33.36 -2.45
CA ILE C 88 21.32 33.68 -3.58
C ILE C 88 19.88 33.13 -3.47
N ASN C 89 18.91 33.95 -3.86
CA ASN C 89 17.54 33.48 -4.03
C ASN C 89 17.38 32.75 -5.36
N VAL C 90 16.45 31.81 -5.40
CA VAL C 90 16.28 30.96 -6.56
C VAL C 90 14.79 30.84 -6.90
N ILE C 91 14.50 30.99 -8.19
CA ILE C 91 13.18 30.79 -8.74
C ILE C 91 13.33 30.02 -10.05
N GLY C 92 12.33 29.22 -10.38
CA GLY C 92 12.38 28.35 -11.54
C GLY C 92 11.21 28.53 -12.48
N ILE C 93 11.47 28.34 -13.77
CA ILE C 93 10.44 28.35 -14.80
C ILE C 93 10.26 26.92 -15.31
N ASN C 94 9.02 26.41 -15.26
CA ASN C 94 8.73 25.04 -15.69
C ASN C 94 8.71 24.85 -17.21
N ARG C 95 8.72 23.58 -17.63
CA ARG C 95 8.76 23.22 -19.05
C ARG C 95 7.42 23.49 -19.75
N GLY C 96 6.33 23.42 -18.97
CA GLY C 96 4.99 23.70 -19.47
C GLY C 96 3.95 23.65 -18.36
N ASN C 97 4.05 22.64 -17.51
CA ASN C 97 3.09 22.44 -16.42
C ASN C 97 3.75 22.52 -15.05
N LEU C 98 2.94 22.84 -14.04
CA LEU C 98 3.38 23.05 -12.65
C LEU C 98 4.36 22.01 -12.12
N GLY C 99 5.40 22.49 -11.44
CA GLY C 99 6.31 21.63 -10.69
C GLY C 99 6.33 22.07 -9.23
N PHE C 100 6.87 21.22 -8.35
CA PHE C 100 6.98 21.55 -6.93
C PHE C 100 8.07 22.58 -6.67
N LEU C 101 9.09 22.60 -7.52
CA LEU C 101 10.21 23.53 -7.37
C LEU C 101 10.22 24.66 -8.40
N THR C 102 9.34 24.57 -9.39
CA THR C 102 9.31 25.53 -10.50
C THR C 102 7.94 26.21 -10.64
N ASP C 103 7.86 27.44 -10.14
CA ASP C 103 6.59 28.15 -9.96
C ASP C 103 6.08 28.88 -11.21
N LEU C 104 6.97 29.21 -12.13
CA LEU C 104 6.63 30.07 -13.27
C LEU C 104 6.32 29.32 -14.55
N ASP C 105 5.14 29.57 -15.11
CA ASP C 105 4.75 29.07 -16.44
C ASP C 105 5.51 29.87 -17.51
N PRO C 106 6.13 29.16 -18.48
CA PRO C 106 6.97 29.82 -19.49
C PRO C 106 6.22 30.82 -20.35
N ASP C 107 4.91 30.66 -20.47
CA ASP C 107 4.07 31.59 -21.25
C ASP C 107 3.69 32.85 -20.48
N ASN C 108 3.82 32.81 -19.16
CA ASN C 108 3.42 33.93 -18.30
C ASN C 108 4.53 34.31 -17.31
N ALA C 109 5.75 33.87 -17.60
CA ALA C 109 6.89 34.04 -16.69
C ALA C 109 7.29 35.50 -16.48
N LEU C 110 7.31 36.28 -17.57
CA LEU C 110 7.79 37.65 -17.53
C LEU C 110 6.91 38.56 -16.66
N GLN C 111 5.62 38.26 -16.64
CA GLN C 111 4.64 39.03 -15.87
C GLN C 111 4.80 38.77 -14.38
N GLN C 112 4.92 37.48 -14.03
CA GLN C 112 5.04 37.06 -12.65
C GLN C 112 6.43 37.37 -12.09
N LEU C 113 7.45 37.24 -12.95
CA LEU C 113 8.82 37.59 -12.58
C LEU C 113 8.97 39.09 -12.28
N SER C 114 8.30 39.91 -13.08
CA SER C 114 8.23 41.37 -12.86
C SER C 114 7.76 41.70 -11.44
N ASP C 115 6.72 41.01 -10.98
CA ASP C 115 6.19 41.20 -9.63
C ASP C 115 7.20 40.77 -8.57
N VAL C 116 7.86 39.64 -8.80
CA VAL C 116 8.90 39.14 -7.91
C VAL C 116 10.06 40.15 -7.79
N LEU C 117 10.56 40.60 -8.95
CA LEU C 117 11.65 41.57 -9.00
C LEU C 117 11.29 42.92 -8.38
N GLU C 118 9.99 43.23 -8.34
CA GLU C 118 9.48 44.42 -7.66
C GLU C 118 9.32 44.21 -6.15
N GLY C 119 9.51 42.97 -5.69
CA GLY C 119 9.58 42.69 -4.25
C GLY C 119 8.41 41.97 -3.63
N ARG C 120 7.42 41.61 -4.44
CA ARG C 120 6.29 40.80 -3.92
C ARG C 120 6.53 39.30 -4.16
N TYR C 121 7.15 38.68 -3.17
CA TYR C 121 7.45 37.26 -3.21
C TYR C 121 7.42 36.69 -1.79
N ILE C 122 7.33 35.37 -1.70
CA ILE C 122 7.44 34.67 -0.43
C ILE C 122 8.77 33.92 -0.42
N SER C 123 9.59 34.20 0.59
CA SER C 123 10.85 33.49 0.78
C SER C 123 10.62 32.20 1.57
N GLU C 124 11.31 31.14 1.14
CA GLU C 124 11.18 29.82 1.75
C GLU C 124 12.53 29.08 1.68
N LYS C 125 12.80 28.27 2.70
CA LYS C 125 14.05 27.53 2.75
C LYS C 125 13.83 26.03 2.68
N ARG C 126 14.66 25.35 1.87
CA ARG C 126 14.60 23.90 1.73
C ARG C 126 15.92 23.33 2.16
N PHE C 127 15.89 22.40 3.11
CA PHE C 127 17.13 21.79 3.58
C PHE C 127 17.50 20.62 2.67
N LEU C 128 18.78 20.28 2.68
CA LEU C 128 19.33 19.21 1.88
C LEU C 128 19.88 18.12 2.80
N LEU C 129 20.10 16.94 2.22
CA LEU C 129 20.78 15.86 2.90
C LEU C 129 22.20 15.76 2.40
N GLU C 130 23.14 15.46 3.30
CA GLU C 130 24.47 15.01 2.89
C GLU C 130 24.71 13.54 3.23
N ALA C 131 25.26 12.82 2.27
CA ALA C 131 25.56 11.41 2.44
C ALA C 131 27.06 11.24 2.31
N GLN C 132 27.65 10.55 3.27
CA GLN C 132 29.04 10.17 3.14
C GLN C 132 29.27 8.69 3.35
N VAL C 133 30.11 8.11 2.50
CA VAL C 133 30.62 6.77 2.73
C VAL C 133 31.87 6.91 3.60
N CYS C 134 31.88 6.17 4.70
CA CYS C 134 32.87 6.32 5.77
C CYS C 134 33.58 5.01 6.04
N GLN C 135 34.86 5.13 6.40
CA GLN C 135 35.65 4.02 6.89
C GLN C 135 36.19 4.42 8.26
N GLN C 136 35.58 3.91 9.33
CA GLN C 136 36.13 4.06 10.68
C GLN C 136 35.94 5.45 11.32
N ASP C 137 35.28 6.38 10.63
CA ASP C 137 35.29 7.83 10.94
C ASP C 137 36.16 8.64 9.96
N ARG C 138 36.60 7.98 8.90
CA ARG C 138 37.30 8.66 7.80
C ARG C 138 36.39 8.67 6.58
N GLN C 139 36.19 9.86 6.01
CA GLN C 139 35.33 10.03 4.84
C GLN C 139 36.02 9.51 3.57
N LYS C 140 35.34 8.60 2.88
CA LYS C 140 35.85 8.04 1.63
C LYS C 140 35.17 8.70 0.43
N ARG C 141 33.94 9.18 0.63
CA ARG C 141 33.12 9.80 -0.41
C ARG C 141 32.01 10.64 0.21
N ILE C 142 31.55 11.65 -0.53
CA ILE C 142 30.52 12.57 -0.05
C ILE C 142 29.71 13.13 -1.22
N SER C 143 28.41 13.26 -1.00
CA SER C 143 27.49 13.81 -1.99
C SER C 143 26.30 14.41 -1.27
N THR C 144 25.63 15.37 -1.90
CA THR C 144 24.44 15.97 -1.30
C THR C 144 23.19 15.67 -2.14
N ALA C 145 22.03 15.85 -1.52
CA ALA C 145 20.77 15.61 -2.21
C ALA C 145 19.71 16.60 -1.74
N ILE C 146 19.00 17.21 -2.70
CA ILE C 146 17.79 18.01 -2.37
C ILE C 146 16.53 17.12 -2.24
N ASN C 147 16.49 16.01 -2.98
CA ASN C 147 15.32 15.13 -2.97
C ASN C 147 15.53 13.91 -2.08
N GLU C 148 16.44 13.03 -2.50
CA GLU C 148 16.64 11.77 -1.80
C GLU C 148 18.00 11.15 -2.01
N VAL C 149 18.37 10.33 -1.04
CA VAL C 149 19.51 9.45 -1.10
C VAL C 149 18.93 8.04 -1.22
N VAL C 150 19.42 7.28 -2.18
CA VAL C 150 18.97 5.90 -2.37
C VAL C 150 20.10 4.88 -2.23
N LEU C 151 19.94 3.97 -1.28
CA LEU C 151 20.79 2.79 -1.15
C LEU C 151 20.22 1.66 -1.99
N HIS C 152 21.05 1.08 -2.87
CA HIS C 152 20.67 -0.03 -3.73
C HIS C 152 21.91 -0.80 -4.19
N PRO C 153 21.74 -2.08 -4.57
CA PRO C 153 22.84 -2.85 -5.18
C PRO C 153 23.12 -2.41 -6.62
N GLY C 154 24.05 -3.09 -7.27
CA GLY C 154 24.34 -2.88 -8.70
C GLY C 154 23.26 -3.42 -9.63
N LYS C 155 22.46 -4.36 -9.13
CA LYS C 155 21.48 -5.09 -9.94
C LYS C 155 20.03 -4.86 -9.48
N HIS C 158 18.82 -7.61 -6.83
CA HIS C 158 18.83 -8.62 -5.76
C HIS C 158 18.60 -8.02 -4.37
N MET C 159 18.29 -8.89 -3.41
CA MET C 159 18.03 -8.48 -2.04
C MET C 159 19.33 -8.14 -1.29
N ILE C 160 19.30 -7.05 -0.53
CA ILE C 160 20.42 -6.64 0.33
C ILE C 160 20.02 -6.59 1.81
N GLU C 161 21.01 -6.75 2.68
CA GLU C 161 20.81 -6.72 4.12
C GLU C 161 21.53 -5.52 4.69
N PHE C 162 20.89 -4.82 5.61
CA PHE C 162 21.53 -3.67 6.25
C PHE C 162 20.95 -3.41 7.63
N GLU C 163 21.75 -2.73 8.44
CA GLU C 163 21.36 -2.27 9.75
C GLU C 163 21.18 -0.77 9.71
N VAL C 164 20.14 -0.29 10.38
CA VAL C 164 19.90 1.14 10.47
C VAL C 164 20.14 1.60 11.91
N TYR C 165 21.01 2.59 12.04
CA TYR C 165 21.30 3.25 13.31
C TYR C 165 20.78 4.67 13.22
N ILE C 166 20.03 5.11 14.23
CA ILE C 166 19.50 6.47 14.27
C ILE C 166 20.16 7.12 15.47
N ASP C 167 20.80 8.26 15.23
CA ASP C 167 21.57 8.95 16.27
C ASP C 167 22.54 8.00 16.98
N GLU C 168 23.24 7.20 16.18
CA GLU C 168 24.25 6.24 16.64
C GLU C 168 23.73 5.09 17.48
N THR C 169 22.41 4.93 17.55
CA THR C 169 21.82 3.83 18.32
C THR C 169 21.10 2.88 17.37
N PHE C 170 21.32 1.58 17.57
CA PHE C 170 20.72 0.58 16.70
C PHE C 170 19.20 0.71 16.71
N ALA C 171 18.63 0.75 15.52
CA ALA C 171 17.18 0.88 15.39
C ALA C 171 16.53 -0.40 14.88
N PHE C 172 16.97 -0.86 13.71
CA PHE C 172 16.41 -2.05 13.10
C PHE C 172 17.29 -2.49 11.95
N SER C 173 17.14 -3.74 11.54
CA SER C 173 17.78 -4.22 10.33
C SER C 173 16.71 -4.50 9.29
N GLN C 174 17.14 -4.78 8.06
CA GLN C 174 16.19 -4.97 6.97
C GLN C 174 16.81 -5.76 5.83
N ARG C 175 16.00 -6.64 5.23
CA ARG C 175 16.32 -7.27 3.95
C ARG C 175 15.36 -6.74 2.91
N SER C 176 15.89 -6.17 1.82
CA SER C 176 15.07 -5.50 0.80
C SER C 176 15.87 -5.20 -0.50
N ASP C 177 15.23 -4.53 -1.45
CA ASP C 177 15.89 -4.08 -2.68
C ASP C 177 16.65 -2.77 -2.46
N GLY C 178 16.44 -2.13 -1.31
CA GLY C 178 17.14 -0.89 -1.02
C GLY C 178 16.41 0.00 -0.03
N LEU C 179 16.90 1.22 0.10
CA LEU C 179 16.31 2.19 1.02
C LEU C 179 16.33 3.59 0.42
N ILE C 180 15.21 4.28 0.56
CA ILE C 180 15.07 5.67 0.12
C ILE C 180 15.03 6.57 1.36
N ILE C 181 15.92 7.54 1.41
CA ILE C 181 15.96 8.51 2.50
C ILE C 181 15.68 9.84 1.85
N SER C 182 14.56 10.46 2.21
CA SER C 182 14.04 11.60 1.49
C SER C 182 13.87 12.85 2.36
N THR C 183 14.05 14.01 1.77
CA THR C 183 13.69 15.30 2.37
C THR C 183 12.18 15.54 2.16
N PRO C 184 11.61 16.56 2.83
CA PRO C 184 10.25 16.96 2.48
C PRO C 184 10.11 17.30 0.99
N THR C 185 11.12 17.91 0.41
CA THR C 185 11.16 18.19 -1.03
C THR C 185 11.11 16.92 -1.87
N GLY C 186 11.84 15.90 -1.47
CA GLY C 186 11.85 14.66 -2.24
C GLY C 186 10.64 13.78 -1.98
N SER C 187 9.85 14.15 -0.96
CA SER C 187 8.74 13.30 -0.50
C SER C 187 7.67 13.13 -1.57
N THR C 188 7.57 14.09 -2.48
CA THR C 188 6.61 14.00 -3.59
C THR C 188 7.23 13.38 -4.85
N ALA C 189 8.48 12.91 -4.75
CA ALA C 189 9.18 12.37 -5.92
C ALA C 189 9.32 10.84 -5.82
N TYR C 190 10.53 10.31 -5.99
CA TYR C 190 10.75 8.85 -5.94
C TYR C 190 10.13 8.18 -4.71
N SER C 191 10.34 8.81 -3.56
CA SER C 191 9.77 8.35 -2.31
C SER C 191 8.26 8.12 -2.42
N LEU C 192 7.55 9.05 -3.06
CA LEU C 192 6.09 8.94 -3.23
C LEU C 192 5.71 7.77 -4.10
N SER C 193 6.46 7.59 -5.19
CA SER C 193 6.29 6.44 -6.09
C SER C 193 6.52 5.13 -5.38
N ALA C 194 7.38 5.17 -4.36
CA ALA C 194 7.69 3.99 -3.55
C ALA C 194 6.77 3.78 -2.36
N GLY C 195 5.67 4.53 -2.28
CA GLY C 195 4.72 4.37 -1.17
C GLY C 195 4.92 5.25 0.07
N GLY C 196 5.83 6.22 0.02
CA GLY C 196 6.08 7.06 1.21
C GLY C 196 4.99 8.11 1.43
N PRO C 197 5.01 8.78 2.61
CA PRO C 197 4.04 9.86 2.85
C PRO C 197 4.49 11.20 2.22
N ILE C 198 3.56 12.11 2.02
CA ILE C 198 3.91 13.48 1.62
C ILE C 198 4.27 14.30 2.86
N LEU C 199 5.41 15.00 2.82
CA LEU C 199 5.83 15.87 3.91
C LEU C 199 5.75 17.32 3.44
N THR C 200 5.09 18.19 4.19
CA THR C 200 5.01 19.61 3.81
C THR C 200 6.43 20.17 3.83
N PRO C 201 6.77 21.05 2.87
CA PRO C 201 8.17 21.45 2.63
C PRO C 201 8.90 22.06 3.83
N SER C 202 8.16 22.68 4.76
CA SER C 202 8.77 23.36 5.89
C SER C 202 9.18 22.41 7.02
N LEU C 203 8.73 21.16 6.94
CA LEU C 203 8.82 20.22 8.05
C LEU C 203 10.26 19.85 8.39
N ASP C 204 10.57 19.82 9.69
CA ASP C 204 11.88 19.37 10.17
C ASP C 204 11.89 17.85 10.35
N ALA C 205 11.79 17.18 9.21
CA ALA C 205 11.63 15.74 9.13
C ALA C 205 12.38 15.14 7.95
N ILE C 206 12.72 13.85 8.09
CA ILE C 206 13.35 13.04 7.05
C ILE C 206 12.57 11.72 7.03
N THR C 207 12.31 11.16 5.85
CA THR C 207 11.58 9.90 5.77
C THR C 207 12.45 8.78 5.24
N LEU C 208 12.30 7.60 5.83
CA LEU C 208 12.97 6.40 5.36
C LEU C 208 11.93 5.46 4.79
N VAL C 209 12.10 5.13 3.51
CA VAL C 209 11.13 4.31 2.79
C VAL C 209 11.83 3.07 2.23
N PRO C 210 11.39 1.88 2.66
CA PRO C 210 12.02 0.64 2.20
C PRO C 210 11.60 0.32 0.74
N MET C 211 12.49 -0.33 0.01
CA MET C 211 12.19 -0.74 -1.38
C MET C 211 12.00 -2.22 -1.40
N PHE C 212 10.74 -2.65 -1.53
CA PHE C 212 10.40 -4.06 -1.62
C PHE C 212 10.92 -4.87 -0.43
N PRO C 213 10.52 -4.50 0.80
CA PRO C 213 11.05 -5.16 1.97
C PRO C 213 10.55 -6.59 2.05
N HIS C 214 11.40 -7.50 2.53
CA HIS C 214 11.00 -8.88 2.67
C HIS C 214 9.98 -9.02 3.80
N THR C 215 10.04 -8.13 4.79
CA THR C 215 9.10 -8.14 5.90
C THR C 215 7.88 -7.29 5.55
N LEU C 216 6.71 -7.93 5.56
CA LEU C 216 5.49 -7.32 5.05
C LEU C 216 4.97 -6.21 5.98
N SER C 217 5.42 -6.24 7.24
CA SER C 217 5.07 -5.20 8.20
C SER C 217 6.02 -4.00 8.19
N ALA C 218 7.04 -4.00 7.34
CA ALA C 218 7.84 -2.78 7.21
C ALA C 218 6.93 -1.61 6.71
N ARG C 219 7.20 -0.42 7.20
CA ARG C 219 6.40 0.76 6.82
C ARG C 219 7.36 1.93 6.77
N PRO C 220 6.99 2.98 6.01
CA PRO C 220 7.77 4.21 6.03
C PRO C 220 7.87 4.77 7.46
N LEU C 221 9.04 5.32 7.77
CA LEU C 221 9.37 5.89 9.07
C LEU C 221 9.73 7.36 8.84
N VAL C 222 9.23 8.23 9.71
CA VAL C 222 9.56 9.64 9.65
C VAL C 222 10.29 10.01 10.93
N ILE C 223 11.47 10.60 10.79
CA ILE C 223 12.31 11.00 11.94
C ILE C 223 12.59 12.50 11.87
N ASN C 224 13.08 13.05 12.97
CA ASN C 224 13.44 14.45 13.05
C ASN C 224 14.65 14.71 12.13
N SER C 225 14.63 15.81 11.38
CA SER C 225 15.74 16.14 10.47
C SER C 225 17.04 16.51 11.19
N SER C 226 16.98 16.64 12.52
CA SER C 226 18.19 16.84 13.32
C SER C 226 18.88 15.53 13.69
N SER C 227 18.23 14.41 13.39
CA SER C 227 18.80 13.08 13.67
C SER C 227 19.73 12.64 12.54
N THR C 228 20.71 11.82 12.86
CA THR C 228 21.58 11.24 11.83
C THR C 228 21.18 9.80 11.56
N ILE C 229 21.47 9.34 10.35
CA ILE C 229 21.19 7.96 9.98
C ILE C 229 22.51 7.32 9.56
N ARG C 230 22.87 6.21 10.22
CA ARG C 230 24.00 5.41 9.80
C ARG C 230 23.56 4.04 9.33
N LEU C 231 24.08 3.63 8.17
CA LEU C 231 23.80 2.31 7.62
C LEU C 231 25.04 1.43 7.67
N ARG C 232 24.86 0.23 8.21
CA ARG C 232 25.93 -0.76 8.28
C ARG C 232 25.56 -2.02 7.53
N PHE C 233 26.58 -2.72 7.03
CA PHE C 233 26.43 -3.82 6.08
C PHE C 233 27.26 -5.01 6.52
N SER C 234 27.00 -6.17 5.92
CA SER C 234 27.72 -7.39 6.26
C SER C 234 29.21 -7.29 5.87
N SER C 238 30.49 -7.79 -2.40
CA SER C 238 29.31 -6.94 -2.25
C SER C 238 29.39 -5.70 -3.15
N ASP C 239 28.27 -5.34 -3.77
CA ASP C 239 28.26 -4.25 -4.75
C ASP C 239 27.21 -3.17 -4.47
N LEU C 240 27.21 -2.67 -3.23
CA LEU C 240 26.25 -1.66 -2.82
C LEU C 240 26.64 -0.27 -3.29
N GLU C 241 25.63 0.55 -3.53
CA GLU C 241 25.80 1.94 -3.97
C GLU C 241 24.84 2.88 -3.24
N ILE C 242 25.19 4.16 -3.22
CA ILE C 242 24.28 5.24 -2.84
C ILE C 242 24.15 6.22 -4.00
N SER C 243 22.92 6.51 -4.41
CA SER C 243 22.62 7.52 -5.44
C SER C 243 21.95 8.75 -4.81
N CYS C 244 22.50 9.93 -5.07
CA CYS C 244 21.93 11.19 -4.56
C CYS C 244 21.26 11.96 -5.69
N ASP C 245 19.95 12.20 -5.57
CA ASP C 245 19.18 12.86 -6.62
C ASP C 245 19.45 12.26 -8.02
N SER C 246 19.55 10.94 -8.10
CA SER C 246 19.92 10.26 -9.35
C SER C 246 21.21 10.80 -10.03
N GLN C 247 22.14 11.35 -9.25
CA GLN C 247 23.51 11.58 -9.72
C GLN C 247 24.17 10.20 -9.86
N ILE C 248 25.37 10.17 -10.41
CA ILE C 248 26.19 8.95 -10.45
C ILE C 248 26.39 8.39 -9.03
N ALA C 249 26.27 7.07 -8.90
CA ALA C 249 26.32 6.38 -7.61
C ALA C 249 27.69 6.39 -6.93
N LEU C 250 27.68 6.47 -5.61
CA LEU C 250 28.88 6.29 -4.81
C LEU C 250 28.98 4.82 -4.38
N PRO C 251 30.09 4.15 -4.72
CA PRO C 251 30.27 2.76 -4.33
C PRO C 251 30.53 2.60 -2.83
N ILE C 252 30.10 1.48 -2.27
CA ILE C 252 30.35 1.18 -0.87
C ILE C 252 31.16 -0.11 -0.81
N GLN C 253 32.39 0.00 -0.31
CA GLN C 253 33.27 -1.15 -0.18
C GLN C 253 33.03 -1.87 1.13
N GLU C 254 33.43 -3.13 1.19
CA GLU C 254 33.31 -3.92 2.41
C GLU C 254 34.01 -3.19 3.56
N GLY C 255 33.36 -3.13 4.71
CA GLY C 255 33.91 -2.43 5.86
C GLY C 255 33.47 -0.98 5.99
N GLU C 256 32.99 -0.39 4.91
CA GLU C 256 32.53 0.98 4.94
C GLU C 256 31.05 1.08 5.32
N ASP C 257 30.69 2.16 6.01
CA ASP C 257 29.27 2.45 6.21
C ASP C 257 28.86 3.80 5.64
N VAL C 258 27.57 4.10 5.71
CA VAL C 258 27.02 5.33 5.13
C VAL C 258 26.43 6.15 6.27
N LEU C 259 26.82 7.42 6.33
CA LEU C 259 26.25 8.38 7.26
C LEU C 259 25.45 9.41 6.48
N ILE C 260 24.18 9.58 6.89
CA ILE C 260 23.29 10.55 6.26
C ILE C 260 22.81 11.55 7.30
N ARG C 261 22.94 12.84 6.99
CA ARG C 261 22.45 13.91 7.85
C ARG C 261 22.05 15.16 7.06
N ARG C 262 21.32 16.04 7.73
CA ARG C 262 20.92 17.34 7.20
C ARG C 262 22.15 18.24 6.98
N CYS C 263 22.23 18.87 5.80
CA CYS C 263 23.29 19.83 5.49
C CYS C 263 23.18 21.08 6.32
N ASP C 264 24.31 21.75 6.50
CA ASP C 264 24.37 23.00 7.25
C ASP C 264 23.80 24.16 6.44
N TYR C 265 23.71 24.01 5.12
CA TYR C 265 23.16 25.05 4.26
C TYR C 265 21.84 24.64 3.63
N HIS C 266 21.06 25.64 3.21
CA HIS C 266 19.73 25.40 2.66
C HIS C 266 19.54 26.13 1.32
N LEU C 267 18.56 25.68 0.55
CA LEU C 267 18.20 26.35 -0.68
C LEU C 267 17.24 27.50 -0.39
N ASN C 268 17.58 28.69 -0.90
CA ASN C 268 16.73 29.88 -0.75
C ASN C 268 15.74 29.98 -1.90
N LEU C 269 14.63 29.25 -1.78
CA LEU C 269 13.59 29.25 -2.79
C LEU C 269 12.69 30.46 -2.56
N ILE C 270 12.32 31.13 -3.66
CA ILE C 270 11.31 32.19 -3.59
C ILE C 270 10.15 31.89 -4.54
N HIS C 271 8.97 32.38 -4.15
CA HIS C 271 7.72 32.09 -4.83
C HIS C 271 6.93 33.36 -5.11
N PRO C 272 6.18 33.39 -6.23
CA PRO C 272 5.17 34.44 -6.44
C PRO C 272 4.22 34.47 -5.25
N LYS C 273 3.73 35.67 -4.91
CA LYS C 273 2.82 35.84 -3.77
C LYS C 273 1.54 35.01 -3.88
N ASP C 274 1.21 34.59 -5.10
CA ASP C 274 0.03 33.75 -5.38
C ASP C 274 0.29 32.25 -5.15
N TYR C 275 1.56 31.87 -4.94
CA TYR C 275 1.94 30.47 -4.74
C TYR C 275 1.26 29.86 -3.54
N SER C 276 0.79 28.64 -3.73
CA SER C 276 0.14 27.85 -2.70
C SER C 276 0.64 26.42 -2.79
N TYR C 277 1.39 25.97 -1.78
CA TYR C 277 1.88 24.58 -1.75
C TYR C 277 0.75 23.56 -2.01
N PHE C 278 -0.38 23.71 -1.32
CA PHE C 278 -1.47 22.77 -1.47
C PHE C 278 -2.15 22.83 -2.82
N ASN C 279 -2.17 24.02 -3.43
CA ASN C 279 -2.66 24.16 -4.79
C ASN C 279 -1.77 23.38 -5.76
N THR C 280 -0.45 23.54 -5.62
CA THR C 280 0.49 22.77 -6.42
C THR C 280 0.34 21.26 -6.19
N LEU C 281 0.37 20.85 -4.92
CA LEU C 281 0.17 19.47 -4.54
C LEU C 281 -1.11 18.87 -5.15
N SER C 282 -2.23 19.58 -4.97
CA SER C 282 -3.54 19.13 -5.43
C SER C 282 -3.58 18.98 -6.93
N THR C 283 -2.99 19.95 -7.62
CA THR C 283 -2.94 19.94 -9.07
C THR C 283 -2.02 18.83 -9.58
N LYS C 284 -0.82 18.73 -9.04
CA LYS C 284 0.13 17.74 -9.54
C LYS C 284 -0.32 16.30 -9.30
N LEU C 285 -1.00 16.06 -8.18
CA LEU C 285 -1.42 14.70 -7.81
C LEU C 285 -2.86 14.41 -8.18
N GLY C 286 -3.56 15.43 -8.69
CA GLY C 286 -4.95 15.30 -9.14
C GLY C 286 -5.96 15.09 -8.03
N TRP C 287 -5.75 15.80 -6.92
CA TRP C 287 -6.71 15.79 -5.81
C TRP C 287 -7.82 16.80 -6.09
N SER C 288 -8.98 16.58 -5.49
CA SER C 288 -10.10 17.50 -5.64
C SER C 288 -9.83 18.88 -5.01
N LYS C 289 -10.35 19.90 -5.68
CA LYS C 289 -10.18 21.31 -5.30
C LYS C 289 -11.53 22.03 -5.11
N LYS C 290 -12.56 21.27 -4.72
CA LYS C 290 -13.92 21.83 -4.61
C LYS C 290 -14.10 22.74 -3.39
N HIS D 4 -30.61 -11.55 -34.50
CA HIS D 4 -31.55 -10.41 -34.31
C HIS D 4 -32.41 -10.55 -33.04
N PHE D 5 -32.93 -9.42 -32.57
CA PHE D 5 -33.77 -9.37 -31.38
C PHE D 5 -35.23 -9.06 -31.75
N LYS D 6 -36.17 -9.54 -30.94
CA LYS D 6 -37.59 -9.36 -31.21
C LYS D 6 -38.22 -8.28 -30.34
N CYS D 7 -38.01 -8.41 -29.02
CA CYS D 7 -38.64 -7.52 -28.06
C CYS D 7 -37.57 -6.77 -27.29
N ILE D 8 -37.66 -5.44 -27.31
CA ILE D 8 -36.71 -4.59 -26.59
C ILE D 8 -37.38 -3.91 -25.39
N GLY D 9 -36.71 -3.97 -24.25
CA GLY D 9 -37.15 -3.26 -23.05
C GLY D 9 -36.34 -2.01 -22.83
N ILE D 10 -37.02 -0.96 -22.38
CA ILE D 10 -36.34 0.27 -21.99
C ILE D 10 -36.55 0.41 -20.49
N VAL D 11 -35.43 0.52 -19.78
CA VAL D 11 -35.43 0.44 -18.33
C VAL D 11 -34.59 1.59 -17.79
N GLY D 12 -34.88 2.03 -16.57
CA GLY D 12 -34.08 3.06 -15.89
C GLY D 12 -34.92 3.94 -14.96
N THR D 22 -33.63 11.43 -25.19
CA THR D 22 -33.07 10.11 -25.44
C THR D 22 -34.04 9.00 -25.03
N HIS D 23 -34.64 9.13 -23.85
CA HIS D 23 -35.64 8.17 -23.35
C HIS D 23 -36.86 8.22 -24.25
N GLU D 24 -37.21 9.44 -24.67
CA GLU D 24 -38.32 9.70 -25.58
C GLU D 24 -37.91 9.33 -27.01
N MET D 25 -36.66 9.64 -27.35
CA MET D 25 -36.11 9.44 -28.70
C MET D 25 -35.85 7.96 -29.01
N LEU D 26 -35.38 7.23 -28.00
CA LEU D 26 -35.09 5.80 -28.13
C LEU D 26 -36.33 5.00 -28.51
N TYR D 27 -37.40 5.17 -27.73
CA TYR D 27 -38.66 4.48 -27.96
C TYR D 27 -39.16 4.68 -29.39
N ARG D 28 -39.06 5.91 -29.87
CA ARG D 28 -39.61 6.30 -31.17
C ARG D 28 -38.86 5.67 -32.35
N TRP D 29 -37.52 5.66 -32.27
CA TRP D 29 -36.69 5.04 -33.30
C TRP D 29 -36.82 3.52 -33.36
N LEU D 30 -36.95 2.89 -32.18
CA LEU D 30 -37.11 1.44 -32.09
C LEU D 30 -38.45 0.99 -32.67
N CYS D 31 -39.52 1.72 -32.33
CA CYS D 31 -40.84 1.49 -32.92
C CYS D 31 -40.80 1.59 -34.44
N ASP D 32 -40.16 2.66 -34.94
CA ASP D 32 -40.03 2.90 -36.39
C ASP D 32 -39.27 1.78 -37.12
N GLN D 33 -38.43 1.06 -36.38
CA GLN D 33 -37.61 -0.01 -36.94
C GLN D 33 -38.34 -1.36 -36.95
N GLY D 34 -39.49 -1.41 -36.29
CA GLY D 34 -40.36 -2.60 -36.30
C GLY D 34 -40.37 -3.45 -35.04
N TYR D 35 -39.62 -3.03 -34.02
CA TYR D 35 -39.47 -3.78 -32.77
C TYR D 35 -40.62 -3.58 -31.79
N GLU D 36 -41.01 -4.69 -31.12
CA GLU D 36 -41.92 -4.63 -29.97
C GLU D 36 -41.16 -3.99 -28.82
N VAL D 37 -41.72 -2.95 -28.22
CA VAL D 37 -41.05 -2.25 -27.13
C VAL D 37 -41.89 -2.27 -25.85
N ILE D 38 -41.25 -2.62 -24.73
CA ILE D 38 -41.87 -2.60 -23.41
C ILE D 38 -41.08 -1.67 -22.47
N VAL D 39 -41.78 -0.78 -21.78
CA VAL D 39 -41.14 0.28 -21.00
C VAL D 39 -41.57 0.26 -19.52
N GLU D 40 -40.67 0.64 -18.63
CA GLU D 40 -41.03 0.87 -17.23
C GLU D 40 -41.96 2.09 -17.10
N LYS D 50 -47.25 8.29 -20.28
CA LYS D 50 -48.53 8.79 -20.77
C LYS D 50 -48.77 8.34 -22.21
N VAL D 52 -49.35 1.24 -25.32
CA VAL D 52 -47.97 1.22 -24.88
C VAL D 52 -47.71 0.08 -23.88
N PRO D 53 -47.18 -1.06 -24.38
CA PRO D 53 -46.82 -2.17 -23.49
C PRO D 53 -45.86 -1.71 -22.40
N THR D 54 -46.26 -1.93 -21.15
CA THR D 54 -45.44 -1.58 -20.00
C THR D 54 -45.25 -2.81 -19.11
N GLY D 55 -44.28 -2.73 -18.21
CA GLY D 55 -44.00 -3.84 -17.32
C GLY D 55 -43.13 -3.51 -16.14
N THR D 56 -43.10 -4.43 -15.19
CA THR D 56 -42.18 -4.37 -14.08
C THR D 56 -40.79 -4.79 -14.60
N LEU D 57 -39.73 -4.50 -13.85
CA LEU D 57 -38.39 -4.88 -14.27
C LEU D 57 -38.27 -6.39 -14.54
N ALA D 58 -38.86 -7.19 -13.64
CA ALA D 58 -38.87 -8.65 -13.79
C ALA D 58 -39.69 -9.13 -14.99
N GLU D 59 -40.78 -8.43 -15.28
CA GLU D 59 -41.61 -8.75 -16.44
C GLU D 59 -40.86 -8.44 -17.75
N ILE D 60 -40.16 -7.31 -17.76
CA ILE D 60 -39.30 -6.92 -18.89
C ILE D 60 -38.16 -7.94 -19.07
N GLY D 61 -37.54 -8.34 -17.96
CA GLY D 61 -36.56 -9.41 -17.96
C GLY D 61 -37.13 -10.65 -18.61
N GLN D 62 -38.37 -10.98 -18.24
CA GLN D 62 -39.06 -12.17 -18.75
C GLN D 62 -39.37 -12.05 -20.25
N GLN D 63 -40.01 -10.94 -20.64
CA GLN D 63 -40.55 -10.79 -22.00
C GLN D 63 -39.55 -10.36 -23.09
N ALA D 64 -38.56 -9.53 -22.74
CA ALA D 64 -37.66 -8.94 -23.74
C ALA D 64 -36.37 -9.73 -24.00
N ASP D 65 -35.82 -9.56 -25.20
CA ASP D 65 -34.55 -10.17 -25.61
C ASP D 65 -33.38 -9.26 -25.31
N LEU D 66 -33.65 -7.96 -25.28
CA LEU D 66 -32.64 -6.94 -25.05
C LEU D 66 -33.25 -5.89 -24.12
N ALA D 67 -32.51 -5.54 -23.07
CA ALA D 67 -32.89 -4.43 -22.21
C ALA D 67 -31.90 -3.29 -22.39
N VAL D 68 -32.42 -2.11 -22.71
CA VAL D 68 -31.61 -0.89 -22.75
C VAL D 68 -31.84 -0.17 -21.43
N VAL D 69 -30.75 0.05 -20.69
CA VAL D 69 -30.81 0.70 -19.40
C VAL D 69 -30.31 2.13 -19.55
N VAL D 70 -31.12 3.08 -19.11
CA VAL D 70 -30.76 4.49 -19.18
C VAL D 70 -30.28 4.98 -17.81
N GLY D 71 -29.13 5.65 -17.79
CA GLY D 71 -28.64 6.35 -16.59
C GLY D 71 -27.38 5.86 -15.88
N GLY D 72 -26.30 5.61 -16.63
CA GLY D 72 -24.98 5.32 -16.05
C GLY D 72 -24.88 4.11 -15.10
N ASP D 73 -23.65 3.82 -14.66
CA ASP D 73 -23.36 2.67 -13.79
C ASP D 73 -24.30 2.55 -12.57
N GLY D 74 -24.88 3.67 -12.17
CA GLY D 74 -25.72 3.76 -10.95
C GLY D 74 -26.99 2.92 -10.94
N ASN D 75 -27.93 3.23 -11.83
CA ASN D 75 -29.14 2.39 -11.92
C ASN D 75 -28.95 1.09 -12.73
N MET D 76 -27.84 0.99 -13.48
CA MET D 76 -27.47 -0.27 -14.14
C MET D 76 -27.20 -1.33 -13.09
N LEU D 77 -26.62 -0.92 -11.98
CA LEU D 77 -26.35 -1.79 -10.83
C LEU D 77 -27.64 -2.41 -10.27
N GLY D 78 -28.63 -1.57 -10.00
CA GLY D 78 -29.95 -2.02 -9.53
C GLY D 78 -30.65 -2.91 -10.55
N ALA D 79 -30.69 -2.46 -11.80
CA ALA D 79 -31.23 -3.25 -12.90
C ALA D 79 -30.55 -4.62 -13.01
N ALA D 80 -29.23 -4.64 -12.88
CA ALA D 80 -28.40 -5.84 -13.10
C ALA D 80 -28.80 -7.04 -12.24
N ARG D 81 -29.09 -6.79 -10.98
CA ARG D 81 -29.40 -7.87 -10.04
C ARG D 81 -30.67 -8.63 -10.38
N THR D 82 -31.65 -7.94 -10.97
CA THR D 82 -32.89 -8.55 -11.42
C THR D 82 -32.68 -9.16 -12.81
N LEU D 83 -32.14 -8.36 -13.73
CA LEU D 83 -31.99 -8.79 -15.12
C LEU D 83 -31.05 -9.99 -15.28
N ALA D 84 -30.12 -10.16 -14.33
CA ALA D 84 -29.23 -11.33 -14.32
C ALA D 84 -29.98 -12.66 -14.19
N ARG D 85 -31.17 -12.60 -13.61
CA ARG D 85 -32.01 -13.79 -13.40
C ARG D 85 -32.67 -14.33 -14.67
N TYR D 86 -32.56 -13.58 -15.78
CA TYR D 86 -33.29 -13.92 -17.01
C TYR D 86 -32.40 -14.09 -18.23
N ASP D 87 -32.93 -14.78 -19.23
CA ASP D 87 -32.29 -14.92 -20.53
C ASP D 87 -32.55 -13.64 -21.34
N ILE D 88 -31.80 -12.60 -21.01
CA ILE D 88 -31.95 -11.29 -21.61
C ILE D 88 -30.58 -10.61 -21.69
N ASN D 89 -30.30 -10.04 -22.85
CA ASN D 89 -29.09 -9.26 -23.05
C ASN D 89 -29.30 -7.85 -22.52
N VAL D 90 -28.24 -7.24 -22.01
CA VAL D 90 -28.34 -5.95 -21.34
C VAL D 90 -27.27 -4.99 -21.85
N ILE D 91 -27.70 -3.80 -22.24
CA ILE D 91 -26.78 -2.74 -22.67
C ILE D 91 -27.21 -1.43 -22.03
N GLY D 92 -26.23 -0.64 -21.62
CA GLY D 92 -26.49 0.58 -20.89
C GLY D 92 -26.11 1.83 -21.67
N ILE D 93 -26.94 2.85 -21.54
CA ILE D 93 -26.67 4.15 -22.14
C ILE D 93 -26.38 5.14 -21.01
N ASN D 94 -25.09 5.42 -20.78
CA ASN D 94 -24.69 6.42 -19.80
C ASN D 94 -25.18 7.80 -20.18
N ARG D 95 -24.96 8.80 -19.33
CA ARG D 95 -25.56 10.10 -19.60
C ARG D 95 -24.56 11.18 -20.02
N GLY D 96 -23.31 10.76 -20.26
CA GLY D 96 -22.27 11.63 -20.79
C GLY D 96 -20.87 11.08 -20.60
N ASN D 97 -20.63 10.47 -19.44
CA ASN D 97 -19.29 10.04 -19.05
C ASN D 97 -19.15 8.51 -18.96
N LEU D 98 -17.94 8.02 -19.22
CA LEU D 98 -17.65 6.58 -19.24
C LEU D 98 -17.98 5.84 -17.95
N GLY D 99 -18.55 4.65 -18.11
CA GLY D 99 -18.75 3.71 -17.03
C GLY D 99 -18.21 2.34 -17.44
N PHE D 100 -18.04 1.46 -16.46
CA PHE D 100 -17.63 0.10 -16.74
C PHE D 100 -18.76 -0.76 -17.30
N LEU D 101 -20.01 -0.39 -16.96
CA LEU D 101 -21.17 -1.18 -17.35
C LEU D 101 -22.01 -0.52 -18.44
N THR D 102 -21.71 0.75 -18.72
CA THR D 102 -22.53 1.58 -19.60
C THR D 102 -21.71 2.16 -20.73
N ASP D 103 -21.93 1.62 -21.93
CA ASP D 103 -21.10 1.94 -23.09
C ASP D 103 -21.55 3.10 -23.95
N LEU D 104 -22.86 3.20 -24.15
CA LEU D 104 -23.40 4.15 -25.11
C LEU D 104 -23.38 5.58 -24.57
N ASP D 105 -22.73 6.46 -25.33
CA ASP D 105 -22.88 7.90 -25.16
C ASP D 105 -24.12 8.30 -25.94
N PRO D 106 -24.99 9.15 -25.33
CA PRO D 106 -26.26 9.62 -25.94
C PRO D 106 -26.17 10.21 -27.36
N ASP D 107 -25.04 10.84 -27.72
CA ASP D 107 -24.88 11.43 -29.06
C ASP D 107 -24.60 10.37 -30.13
N ASN D 108 -23.99 9.26 -29.71
CA ASN D 108 -23.63 8.16 -30.60
C ASN D 108 -24.53 6.93 -30.38
N ALA D 109 -25.54 7.10 -29.53
CA ALA D 109 -26.40 5.99 -29.06
C ALA D 109 -27.06 5.19 -30.17
N LEU D 110 -27.74 5.87 -31.09
CA LEU D 110 -28.51 5.21 -32.14
C LEU D 110 -27.62 4.48 -33.14
N GLN D 111 -26.52 5.13 -33.51
CA GLN D 111 -25.52 4.57 -34.42
C GLN D 111 -25.02 3.23 -33.89
N GLN D 112 -24.64 3.21 -32.62
CA GLN D 112 -24.12 2.00 -31.98
C GLN D 112 -25.21 0.96 -31.72
N LEU D 113 -26.38 1.40 -31.25
CA LEU D 113 -27.49 0.49 -31.02
C LEU D 113 -27.95 -0.18 -32.30
N SER D 114 -27.85 0.55 -33.41
CA SER D 114 -28.15 0.03 -34.75
C SER D 114 -27.22 -1.13 -35.13
N ASP D 115 -25.93 -0.96 -34.87
CA ASP D 115 -24.93 -2.00 -35.10
C ASP D 115 -25.22 -3.24 -34.27
N VAL D 116 -25.55 -3.03 -32.99
CA VAL D 116 -25.84 -4.11 -32.05
C VAL D 116 -27.04 -4.92 -32.53
N LEU D 117 -28.09 -4.19 -32.92
CA LEU D 117 -29.33 -4.81 -33.40
C LEU D 117 -29.13 -5.67 -34.65
N GLU D 118 -28.07 -5.37 -35.41
CA GLU D 118 -27.69 -6.16 -36.59
C GLU D 118 -26.85 -7.39 -36.22
N GLY D 119 -26.69 -7.62 -34.92
CA GLY D 119 -25.94 -8.77 -34.41
C GLY D 119 -24.48 -8.49 -34.12
N ARG D 120 -24.05 -7.24 -34.34
CA ARG D 120 -22.64 -6.88 -34.16
C ARG D 120 -22.33 -6.32 -32.77
N TYR D 121 -21.99 -7.22 -31.85
CA TYR D 121 -21.72 -6.84 -30.46
C TYR D 121 -20.75 -7.82 -29.78
N ILE D 122 -20.24 -7.38 -28.64
CA ILE D 122 -19.34 -8.16 -27.79
C ILE D 122 -20.10 -8.54 -26.52
N SER D 123 -19.94 -9.79 -26.08
CA SER D 123 -20.49 -10.25 -24.80
C SER D 123 -19.45 -10.20 -23.69
N GLU D 124 -19.90 -9.86 -22.49
CA GLU D 124 -19.07 -9.78 -21.29
C GLU D 124 -19.90 -10.24 -20.08
N LYS D 125 -20.11 -11.55 -19.97
CA LYS D 125 -20.82 -12.15 -18.83
C LYS D 125 -20.23 -11.69 -17.50
N ARG D 126 -21.09 -11.22 -16.60
CA ARG D 126 -20.65 -10.77 -15.27
C ARG D 126 -21.33 -11.67 -14.25
N PHE D 127 -20.53 -12.32 -13.40
CA PHE D 127 -21.10 -13.21 -12.38
C PHE D 127 -21.39 -12.41 -11.10
N LEU D 128 -22.26 -12.98 -10.27
CA LEU D 128 -22.77 -12.36 -9.06
C LEU D 128 -22.44 -13.21 -7.85
N LEU D 129 -22.49 -12.60 -6.66
CA LEU D 129 -22.28 -13.29 -5.41
C LEU D 129 -23.59 -13.44 -4.67
N GLU D 130 -23.74 -14.58 -4.02
CA GLU D 130 -24.86 -14.85 -3.16
C GLU D 130 -24.33 -14.93 -1.72
N ALA D 131 -24.94 -14.16 -0.82
CA ALA D 131 -24.57 -14.14 0.59
C ALA D 131 -25.72 -14.62 1.47
N GLN D 132 -25.48 -15.67 2.24
CA GLN D 132 -26.48 -16.25 3.11
C GLN D 132 -26.04 -16.09 4.54
N VAL D 133 -26.96 -15.67 5.39
CA VAL D 133 -26.74 -15.75 6.84
C VAL D 133 -27.44 -17.02 7.32
N CYS D 134 -26.66 -17.91 7.95
CA CYS D 134 -27.16 -19.24 8.31
C CYS D 134 -27.05 -19.50 9.81
N GLN D 135 -28.04 -20.21 10.35
CA GLN D 135 -28.00 -20.75 11.70
C GLN D 135 -27.97 -22.27 11.56
N GLN D 136 -26.79 -22.84 11.82
CA GLN D 136 -26.46 -24.22 11.42
C GLN D 136 -26.75 -24.41 9.93
N ASP D 137 -27.78 -25.21 9.64
CA ASP D 137 -28.20 -25.44 8.26
C ASP D 137 -29.39 -24.58 7.81
N ARG D 138 -30.07 -23.93 8.75
CA ARG D 138 -31.19 -23.05 8.41
C ARG D 138 -30.70 -21.73 7.81
N GLN D 139 -31.17 -21.42 6.61
CA GLN D 139 -30.98 -20.10 6.03
C GLN D 139 -31.88 -19.10 6.75
N LYS D 140 -31.29 -18.01 7.25
CA LYS D 140 -32.06 -16.99 7.95
C LYS D 140 -32.32 -15.79 7.05
N ARG D 141 -31.32 -15.40 6.28
CA ARG D 141 -31.36 -14.24 5.39
C ARG D 141 -30.54 -14.50 4.15
N ILE D 142 -30.88 -13.84 3.05
CA ILE D 142 -30.15 -13.98 1.79
C ILE D 142 -30.16 -12.67 0.98
N SER D 143 -29.04 -12.36 0.34
CA SER D 143 -28.98 -11.27 -0.62
C SER D 143 -28.00 -11.62 -1.75
N THR D 144 -27.98 -10.81 -2.79
CA THR D 144 -27.03 -11.02 -3.87
C THR D 144 -26.32 -9.71 -4.17
N ALA D 145 -25.18 -9.83 -4.85
CA ALA D 145 -24.33 -8.67 -5.12
C ALA D 145 -23.68 -8.81 -6.49
N ILE D 146 -23.77 -7.77 -7.31
CA ILE D 146 -22.93 -7.76 -8.52
C ILE D 146 -21.56 -7.11 -8.25
N ASN D 147 -21.48 -6.25 -7.24
CA ASN D 147 -20.21 -5.59 -6.90
C ASN D 147 -19.47 -6.31 -5.77
N GLU D 148 -20.00 -6.21 -4.56
CA GLU D 148 -19.34 -6.78 -3.38
C GLU D 148 -20.27 -7.08 -2.22
N VAL D 149 -19.80 -7.96 -1.36
CA VAL D 149 -20.39 -8.20 -0.06
C VAL D 149 -19.38 -7.67 0.97
N VAL D 150 -19.86 -6.88 1.93
CA VAL D 150 -18.98 -6.30 2.96
C VAL D 150 -19.44 -6.75 4.34
N LEU D 151 -18.54 -7.43 5.06
CA LEU D 151 -18.74 -7.75 6.48
C LEU D 151 -18.25 -6.56 7.30
N HIS D 152 -19.07 -6.09 8.23
CA HIS D 152 -18.70 -4.93 9.03
C HIS D 152 -19.49 -4.91 10.33
N PRO D 153 -18.98 -4.21 11.36
CA PRO D 153 -19.77 -4.06 12.59
C PRO D 153 -20.97 -3.17 12.34
N GLY D 154 -21.92 -3.20 13.26
CA GLY D 154 -23.10 -2.34 13.20
C GLY D 154 -22.72 -0.88 13.24
N LYS D 155 -21.85 -0.52 14.16
CA LYS D 155 -21.31 0.84 14.28
C LYS D 155 -19.85 0.86 13.87
N VAL D 156 -19.48 1.82 13.03
CA VAL D 156 -18.24 1.72 12.24
C VAL D 156 -16.91 2.06 12.94
N ALA D 157 -15.80 1.65 12.31
CA ALA D 157 -14.41 1.81 12.79
C ALA D 157 -14.01 0.99 14.04
N HIS D 158 -15.00 0.36 14.67
CA HIS D 158 -14.78 -0.58 15.78
C HIS D 158 -14.26 -1.91 15.24
N MET D 159 -13.29 -2.50 15.93
CA MET D 159 -12.62 -3.72 15.46
C MET D 159 -13.50 -4.97 15.64
N ILE D 160 -13.45 -5.89 14.67
CA ILE D 160 -14.16 -7.17 14.75
C ILE D 160 -13.25 -8.37 14.46
N GLU D 161 -13.61 -9.53 14.99
CA GLU D 161 -12.84 -10.76 14.77
C GLU D 161 -13.67 -11.79 14.02
N PHE D 162 -13.04 -12.47 13.07
CA PHE D 162 -13.72 -13.50 12.28
C PHE D 162 -12.74 -14.55 11.78
N GLU D 163 -13.26 -15.75 11.55
CA GLU D 163 -12.51 -16.83 10.91
C GLU D 163 -13.01 -16.98 9.49
N VAL D 164 -12.07 -17.12 8.56
CA VAL D 164 -12.40 -17.37 7.16
C VAL D 164 -12.13 -18.82 6.82
N TYR D 165 -13.15 -19.49 6.29
CA TYR D 165 -13.05 -20.84 5.78
C TYR D 165 -13.24 -20.78 4.27
N ILE D 166 -12.32 -21.40 3.54
CA ILE D 166 -12.48 -21.49 2.08
C ILE D 166 -12.74 -22.93 1.70
N ASP D 167 -13.84 -23.18 0.98
CA ASP D 167 -14.26 -24.55 0.64
C ASP D 167 -14.29 -25.44 1.89
N GLU D 168 -14.83 -24.88 2.97
CA GLU D 168 -15.03 -25.54 4.26
C GLU D 168 -13.74 -25.91 5.02
N THR D 169 -12.61 -25.36 4.57
CA THR D 169 -11.32 -25.58 5.21
C THR D 169 -10.89 -24.28 5.86
N PHE D 170 -10.51 -24.34 7.14
CA PHE D 170 -10.03 -23.13 7.81
C PHE D 170 -8.86 -22.55 7.04
N ALA D 171 -8.94 -21.26 6.74
CA ALA D 171 -7.90 -20.56 6.00
C ALA D 171 -7.09 -19.65 6.90
N PHE D 172 -7.76 -18.71 7.56
CA PHE D 172 -7.11 -17.78 8.47
C PHE D 172 -8.16 -17.02 9.26
N SER D 173 -7.72 -16.36 10.32
CA SER D 173 -8.58 -15.46 11.07
C SER D 173 -8.04 -14.01 10.95
N GLN D 174 -8.83 -13.06 11.39
CA GLN D 174 -8.50 -11.66 11.24
C GLN D 174 -9.20 -10.80 12.28
N ARG D 175 -8.49 -9.80 12.77
CA ARG D 175 -9.05 -8.71 13.56
C ARG D 175 -8.97 -7.47 12.68
N SER D 176 -10.11 -6.88 12.32
CA SER D 176 -10.09 -5.74 11.39
C SER D 176 -11.35 -4.88 11.53
N ASP D 177 -11.46 -3.86 10.68
CA ASP D 177 -12.71 -3.10 10.56
C ASP D 177 -13.76 -3.86 9.74
N GLY D 178 -13.34 -4.96 9.11
CA GLY D 178 -14.24 -5.78 8.29
C GLY D 178 -13.57 -6.39 7.07
N LEU D 179 -14.39 -6.85 6.13
CA LEU D 179 -13.92 -7.59 5.00
C LEU D 179 -14.79 -7.34 3.78
N ILE D 180 -14.14 -7.10 2.65
CA ILE D 180 -14.79 -6.91 1.35
C ILE D 180 -14.56 -8.15 0.49
N ILE D 181 -15.64 -8.74 0.01
CA ILE D 181 -15.56 -9.86 -0.92
C ILE D 181 -16.15 -9.35 -2.22
N SER D 182 -15.32 -9.24 -3.25
CA SER D 182 -15.69 -8.53 -4.45
C SER D 182 -15.63 -9.43 -5.69
N THR D 183 -16.56 -9.21 -6.63
CA THR D 183 -16.48 -9.81 -7.96
C THR D 183 -15.48 -8.98 -8.77
N PRO D 184 -15.10 -9.44 -9.99
CA PRO D 184 -14.37 -8.59 -10.95
C PRO D 184 -15.06 -7.25 -11.24
N THR D 185 -16.40 -7.26 -11.37
CA THR D 185 -17.19 -6.04 -11.55
C THR D 185 -16.96 -5.10 -10.37
N GLY D 186 -17.03 -5.62 -9.14
CA GLY D 186 -16.81 -4.80 -7.96
C GLY D 186 -15.39 -4.38 -7.70
N SER D 187 -14.42 -4.94 -8.42
CA SER D 187 -12.98 -4.74 -8.09
C SER D 187 -12.49 -3.32 -8.37
N THR D 188 -13.27 -2.57 -9.14
CA THR D 188 -12.89 -1.20 -9.47
C THR D 188 -13.68 -0.20 -8.60
N ALA D 189 -14.51 -0.73 -7.70
CA ALA D 189 -15.41 0.09 -6.88
C ALA D 189 -14.84 0.20 -5.46
N TYR D 190 -15.66 -0.07 -4.44
CA TYR D 190 -15.22 0.01 -3.02
C TYR D 190 -13.93 -0.76 -2.74
N SER D 191 -13.86 -1.98 -3.27
CA SER D 191 -12.68 -2.83 -3.16
C SER D 191 -11.40 -2.09 -3.58
N LEU D 192 -11.51 -1.31 -4.66
CA LEU D 192 -10.34 -0.61 -5.19
C LEU D 192 -9.94 0.48 -4.21
N SER D 193 -10.92 1.20 -3.65
CA SER D 193 -10.65 2.26 -2.67
C SER D 193 -10.05 1.68 -1.37
N ALA D 194 -10.28 0.39 -1.09
CA ALA D 194 -9.68 -0.27 0.07
C ALA D 194 -8.34 -0.95 -0.21
N GLY D 195 -7.78 -0.74 -1.40
CA GLY D 195 -6.48 -1.30 -1.77
C GLY D 195 -6.48 -2.65 -2.46
N GLY D 196 -7.64 -3.06 -2.97
CA GLY D 196 -7.73 -4.34 -3.67
C GLY D 196 -7.15 -4.28 -5.07
N PRO D 197 -6.91 -5.46 -5.69
CA PRO D 197 -6.43 -5.45 -7.08
C PRO D 197 -7.59 -5.31 -8.07
N ILE D 198 -7.29 -4.87 -9.28
CA ILE D 198 -8.26 -4.88 -10.39
C ILE D 198 -8.33 -6.28 -11.03
N LEU D 199 -9.52 -6.84 -11.15
CA LEU D 199 -9.75 -8.11 -11.83
C LEU D 199 -10.49 -7.86 -13.14
N THR D 200 -10.00 -8.45 -14.23
CA THR D 200 -10.63 -8.25 -15.53
C THR D 200 -12.04 -8.86 -15.46
N PRO D 201 -13.03 -8.20 -16.08
CA PRO D 201 -14.47 -8.44 -15.88
C PRO D 201 -14.99 -9.85 -15.94
N SER D 202 -14.39 -10.72 -16.73
CA SER D 202 -14.93 -12.05 -16.83
C SER D 202 -14.08 -13.11 -16.15
N LEU D 203 -13.07 -12.68 -15.39
CA LEU D 203 -12.18 -13.59 -14.66
C LEU D 203 -13.03 -14.45 -13.73
N ASP D 204 -12.69 -15.74 -13.63
CA ASP D 204 -13.37 -16.66 -12.72
C ASP D 204 -12.70 -16.62 -11.34
N ALA D 205 -12.79 -15.44 -10.73
CA ALA D 205 -12.12 -15.14 -9.47
C ALA D 205 -12.96 -14.21 -8.60
N ILE D 206 -12.69 -14.29 -7.30
CA ILE D 206 -13.30 -13.47 -6.26
C ILE D 206 -12.12 -12.97 -5.43
N THR D 207 -12.17 -11.71 -4.99
CA THR D 207 -11.11 -11.15 -4.15
C THR D 207 -11.61 -10.85 -2.75
N LEU D 208 -10.79 -11.19 -1.76
CA LEU D 208 -11.08 -10.90 -0.35
C LEU D 208 -10.10 -9.81 0.07
N VAL D 209 -10.65 -8.66 0.48
CA VAL D 209 -9.86 -7.46 0.74
C VAL D 209 -10.10 -7.02 2.20
N PRO D 210 -9.08 -7.07 3.05
CA PRO D 210 -9.32 -6.69 4.46
C PRO D 210 -9.49 -5.18 4.63
N MET D 211 -10.26 -4.78 5.63
CA MET D 211 -10.47 -3.38 5.93
C MET D 211 -9.69 -3.06 7.19
N PHE D 212 -8.51 -2.45 6.97
CA PHE D 212 -7.63 -2.00 8.06
C PHE D 212 -7.24 -3.11 9.05
N PRO D 213 -6.61 -4.18 8.55
CA PRO D 213 -6.35 -5.32 9.43
C PRO D 213 -5.29 -4.98 10.48
N HIS D 214 -5.40 -5.60 11.66
CA HIS D 214 -4.39 -5.41 12.69
C HIS D 214 -3.06 -6.03 12.26
N THR D 215 -3.13 -7.14 11.55
CA THR D 215 -1.93 -7.83 11.06
C THR D 215 -1.38 -7.10 9.85
N LEU D 216 -0.20 -6.51 9.99
CA LEU D 216 0.36 -5.68 8.92
C LEU D 216 0.76 -6.46 7.68
N SER D 217 1.00 -7.77 7.84
CA SER D 217 1.26 -8.69 6.69
C SER D 217 -0.01 -9.15 5.91
N ALA D 218 -1.20 -8.75 6.35
CA ALA D 218 -2.42 -9.12 5.63
C ALA D 218 -2.37 -8.47 4.23
N ARG D 219 -2.84 -9.19 3.22
CA ARG D 219 -2.81 -8.70 1.82
C ARG D 219 -4.07 -9.22 1.15
N PRO D 220 -4.59 -8.50 0.13
CA PRO D 220 -5.71 -9.06 -0.61
C PRO D 220 -5.41 -10.47 -1.17
N LEU D 221 -6.43 -11.31 -1.16
CA LEU D 221 -6.34 -12.67 -1.58
C LEU D 221 -7.34 -12.85 -2.73
N VAL D 222 -6.91 -13.54 -3.79
CA VAL D 222 -7.75 -13.78 -4.95
C VAL D 222 -7.92 -15.28 -5.06
N ILE D 223 -9.18 -15.73 -5.03
CA ILE D 223 -9.49 -17.16 -5.08
C ILE D 223 -10.36 -17.49 -6.30
N ASN D 224 -10.46 -18.77 -6.64
CA ASN D 224 -11.34 -19.20 -7.74
C ASN D 224 -12.79 -18.91 -7.37
N SER D 225 -13.55 -18.39 -8.33
CA SER D 225 -14.97 -18.05 -8.10
C SER D 225 -15.86 -19.27 -7.88
N SER D 226 -15.35 -20.48 -8.18
CA SER D 226 -16.05 -21.71 -7.82
C SER D 226 -15.90 -22.07 -6.33
N SER D 227 -15.03 -21.37 -5.60
CA SER D 227 -14.86 -21.66 -4.18
C SER D 227 -15.95 -21.00 -3.34
N THR D 228 -16.25 -21.58 -2.19
CA THR D 228 -17.19 -20.97 -1.24
C THR D 228 -16.40 -20.34 -0.11
N ILE D 229 -16.97 -19.31 0.49
CA ILE D 229 -16.38 -18.66 1.64
C ILE D 229 -17.37 -18.74 2.80
N ARG D 230 -16.91 -19.26 3.93
CA ARG D 230 -17.69 -19.26 5.17
C ARG D 230 -16.99 -18.38 6.19
N LEU D 231 -17.75 -17.47 6.79
CA LEU D 231 -17.24 -16.59 7.83
C LEU D 231 -17.88 -16.97 9.16
N ARG D 232 -17.05 -17.18 10.17
CA ARG D 232 -17.51 -17.53 11.52
C ARG D 232 -17.03 -16.49 12.52
N PHE D 233 -17.80 -16.34 13.59
CA PHE D 233 -17.68 -15.24 14.53
C PHE D 233 -17.70 -15.74 15.98
N SER D 234 -17.28 -14.90 16.93
CA SER D 234 -17.27 -15.30 18.32
C SER D 234 -18.68 -15.54 18.79
N HIS D 235 -18.84 -16.41 19.78
CA HIS D 235 -20.16 -16.77 20.28
C HIS D 235 -20.71 -15.71 21.22
N ARG D 236 -19.84 -14.81 21.66
CA ARG D 236 -20.17 -13.85 22.70
C ARG D 236 -20.23 -12.43 22.16
N ASP D 239 -23.20 -7.32 17.19
CA ASP D 239 -23.83 -6.54 16.13
C ASP D 239 -22.99 -6.57 14.84
N LEU D 240 -22.96 -7.73 14.20
CA LEU D 240 -22.31 -7.81 12.90
C LEU D 240 -23.35 -7.78 11.79
N GLU D 241 -22.94 -7.29 10.62
CA GLU D 241 -23.80 -7.35 9.45
C GLU D 241 -23.02 -7.53 8.17
N ILE D 242 -23.74 -7.89 7.11
CA ILE D 242 -23.18 -7.88 5.76
C ILE D 242 -24.01 -6.97 4.85
N SER D 243 -23.33 -6.16 4.05
CA SER D 243 -23.99 -5.32 3.05
C SER D 243 -23.63 -5.80 1.67
N CYS D 244 -24.65 -6.08 0.86
CA CYS D 244 -24.45 -6.49 -0.53
C CYS D 244 -24.80 -5.34 -1.44
N ASP D 245 -23.82 -4.88 -2.22
CA ASP D 245 -23.98 -3.72 -3.09
C ASP D 245 -24.59 -2.52 -2.36
N SER D 246 -24.19 -2.29 -1.11
CA SER D 246 -24.73 -1.18 -0.30
C SER D 246 -26.28 -1.19 -0.16
N GLN D 247 -26.93 -2.34 -0.40
CA GLN D 247 -28.34 -2.51 -0.05
C GLN D 247 -28.41 -2.55 1.46
N ILE D 248 -29.63 -2.52 2.00
CA ILE D 248 -29.85 -2.62 3.44
C ILE D 248 -29.09 -3.82 4.00
N ALA D 249 -28.34 -3.59 5.07
CA ALA D 249 -27.53 -4.60 5.73
C ALA D 249 -28.34 -5.76 6.30
N LEU D 250 -27.81 -6.97 6.19
CA LEU D 250 -28.41 -8.14 6.83
C LEU D 250 -27.74 -8.36 8.18
N PRO D 251 -28.54 -8.38 9.27
CA PRO D 251 -27.95 -8.64 10.58
C PRO D 251 -27.44 -10.07 10.70
N ILE D 252 -26.37 -10.23 11.46
CA ILE D 252 -25.84 -11.55 11.79
C ILE D 252 -26.00 -11.69 13.28
N GLN D 253 -26.91 -12.55 13.68
CA GLN D 253 -27.17 -12.73 15.09
C GLN D 253 -26.20 -13.72 15.70
N GLU D 254 -26.14 -13.73 17.03
CA GLU D 254 -25.28 -14.63 17.78
C GLU D 254 -25.49 -16.08 17.30
N GLY D 255 -24.38 -16.79 17.09
CA GLY D 255 -24.42 -18.17 16.64
C GLY D 255 -24.60 -18.37 15.13
N GLU D 256 -24.84 -17.30 14.40
CA GLU D 256 -25.04 -17.40 12.96
C GLU D 256 -23.71 -17.23 12.23
N ASP D 257 -23.62 -17.78 11.01
CA ASP D 257 -22.45 -17.59 10.18
C ASP D 257 -22.86 -17.12 8.79
N VAL D 258 -21.89 -16.74 7.98
CA VAL D 258 -22.16 -16.25 6.62
C VAL D 258 -21.53 -17.20 5.60
N LEU D 259 -22.33 -17.57 4.60
CA LEU D 259 -21.83 -18.32 3.46
C LEU D 259 -21.91 -17.47 2.20
N ILE D 260 -20.80 -17.38 1.48
CA ILE D 260 -20.75 -16.59 0.24
C ILE D 260 -20.29 -17.48 -0.89
N ARG D 261 -21.01 -17.44 -2.00
CA ARG D 261 -20.67 -18.20 -3.19
C ARG D 261 -21.15 -17.50 -4.45
N ARG D 262 -20.64 -17.96 -5.59
CA ARG D 262 -21.07 -17.50 -6.91
C ARG D 262 -22.52 -17.91 -7.18
N CYS D 263 -23.34 -16.98 -7.69
CA CYS D 263 -24.71 -17.30 -8.12
C CYS D 263 -24.72 -18.25 -9.31
N ASP D 264 -25.80 -19.02 -9.48
CA ASP D 264 -25.90 -19.92 -10.61
C ASP D 264 -26.51 -19.25 -11.87
N TYR D 265 -26.44 -17.93 -11.91
CA TYR D 265 -26.80 -17.13 -13.09
C TYR D 265 -25.90 -15.92 -13.17
N HIS D 266 -25.78 -15.37 -14.38
CA HIS D 266 -24.95 -14.20 -14.62
C HIS D 266 -25.69 -13.09 -15.39
N LEU D 267 -25.13 -11.89 -15.35
CA LEU D 267 -25.60 -10.78 -16.17
C LEU D 267 -25.08 -10.93 -17.60
N ASN D 268 -26.00 -11.03 -18.56
CA ASN D 268 -25.62 -11.08 -19.96
C ASN D 268 -25.44 -9.65 -20.45
N LEU D 269 -24.23 -9.13 -20.28
CA LEU D 269 -23.90 -7.76 -20.68
C LEU D 269 -23.34 -7.77 -22.10
N ILE D 270 -23.78 -6.81 -22.90
CA ILE D 270 -23.24 -6.69 -24.27
C ILE D 270 -22.66 -5.30 -24.53
N HIS D 271 -21.71 -5.25 -25.46
CA HIS D 271 -21.00 -4.03 -25.78
C HIS D 271 -20.92 -3.87 -27.29
N PRO D 272 -20.85 -2.61 -27.77
CA PRO D 272 -20.57 -2.36 -29.20
C PRO D 272 -19.22 -2.95 -29.60
N LYS D 273 -19.04 -3.19 -30.90
CA LYS D 273 -17.84 -3.84 -31.43
C LYS D 273 -16.52 -3.09 -31.17
N ASP D 274 -16.59 -1.77 -30.99
CA ASP D 274 -15.37 -1.01 -30.68
C ASP D 274 -15.12 -0.83 -29.18
N TYR D 275 -15.81 -1.63 -28.36
CA TYR D 275 -15.59 -1.64 -26.91
C TYR D 275 -14.19 -2.16 -26.61
N SER D 276 -13.49 -1.42 -25.75
CA SER D 276 -12.20 -1.86 -25.22
C SER D 276 -12.24 -1.69 -23.70
N TYR D 277 -12.32 -2.80 -22.99
CA TYR D 277 -12.27 -2.76 -21.53
C TYR D 277 -11.06 -1.98 -21.00
N PHE D 278 -9.89 -2.24 -21.58
CA PHE D 278 -8.66 -1.61 -21.09
C PHE D 278 -8.60 -0.12 -21.34
N ASN D 279 -9.22 0.32 -22.43
CA ASN D 279 -9.42 1.73 -22.68
C ASN D 279 -10.28 2.36 -21.58
N THR D 280 -11.42 1.74 -21.28
CA THR D 280 -12.28 2.19 -20.19
C THR D 280 -11.53 2.26 -18.84
N LEU D 281 -10.83 1.18 -18.48
CA LEU D 281 -10.09 1.11 -17.21
C LEU D 281 -9.06 2.26 -17.10
N SER D 282 -8.20 2.35 -18.12
CA SER D 282 -7.17 3.38 -18.16
C SER D 282 -7.76 4.78 -18.12
N THR D 283 -8.87 4.98 -18.82
CA THR D 283 -9.50 6.30 -18.87
C THR D 283 -10.09 6.66 -17.50
N LYS D 284 -10.84 5.75 -16.90
CA LYS D 284 -11.47 6.02 -15.59
C LYS D 284 -10.46 6.22 -14.45
N LEU D 285 -9.35 5.49 -14.49
CA LEU D 285 -8.35 5.53 -13.42
C LEU D 285 -7.22 6.53 -13.66
N GLY D 286 -7.23 7.18 -14.82
CA GLY D 286 -6.20 8.18 -15.12
C GLY D 286 -4.83 7.59 -15.45
N TRP D 287 -4.80 6.36 -15.95
CA TRP D 287 -3.56 5.71 -16.38
C TRP D 287 -3.09 6.33 -17.71
N SER D 288 -1.78 6.35 -17.94
CA SER D 288 -1.25 6.92 -19.18
C SER D 288 -1.69 6.08 -20.40
N LYS D 289 -2.06 6.77 -21.48
CA LYS D 289 -2.46 6.13 -22.73
C LYS D 289 -1.52 6.57 -23.83
N LYS D 290 -0.32 7.00 -23.42
CA LYS D 290 0.72 7.46 -24.32
C LYS D 290 1.31 6.35 -25.16
N LEU D 291 1.53 6.63 -26.44
CA LEU D 291 2.35 5.77 -27.31
C LEU D 291 3.60 6.55 -27.69
N PHE D 292 4.71 5.84 -27.94
CA PHE D 292 5.97 6.48 -28.36
C PHE D 292 5.86 7.15 -29.72
#